data_5GN0
#
_entry.id   5GN0
#
_cell.length_a   79.660
_cell.length_b   120.900
_cell.length_c   196.580
_cell.angle_alpha   90.00
_cell.angle_beta   90.00
_cell.angle_gamma   90.00
#
_symmetry.space_group_name_H-M   'P 21 21 21'
#
loop_
_entity.id
_entity.type
_entity.pdbx_description
1 polymer 'Transcriptional enhancer factor TEF-3'
2 polymer 'WW domain-containing transcription regulator protein 1'
3 non-polymer 'CITRIC ACID'
4 non-polymer 'PALMITIC ACID'
5 water water
#
loop_
_entity_poly.entity_id
_entity_poly.type
_entity_poly.pdbx_seq_one_letter_code
_entity_poly.pdbx_strand_id
1 'polypeptide(L)'
;DLNWISMRSIASSKLWMLEFSAFLERQQDPDTYNKHLFVHISQSSPSYSDPYLETVDIRQIYDKFPEKKGGLKELFERGP
SNAFFLVKFWADLNTNIDDEGSAFYGVSSQYESPENMIITCSTKVCSFGKQVVEKVETEYARYENGHYLYRIHRSPLCEY
MINFIHKLKHLPEKYMMNSVLENFTILQVVTNRDTQETLLCIAYVFEVSASEHGAQHHIYRLVKE
;
A,B,C,D
2 'polypeptide(L)' PLDTDLEALFNSVMNPKPSSWRKKILPESFFKEPD E,F,G,H
#
loop_
_chem_comp.id
_chem_comp.type
_chem_comp.name
_chem_comp.formula
CIT non-polymer 'CITRIC ACID' 'C6 H8 O7'
PLM non-polymer 'PALMITIC ACID' 'C16 H32 O2'
#
# COMPACT_ATOMS: atom_id res chain seq x y z
N LEU A 2 -26.06 17.87 -41.05
CA LEU A 2 -25.19 17.12 -40.15
C LEU A 2 -24.09 16.27 -40.72
N ASN A 3 -24.03 16.12 -42.03
CA ASN A 3 -23.03 15.26 -42.64
C ASN A 3 -21.77 15.91 -43.08
N TRP A 4 -21.75 17.23 -43.14
CA TRP A 4 -20.56 17.97 -43.57
C TRP A 4 -19.66 18.13 -42.36
N ILE A 5 -20.26 17.97 -41.20
CA ILE A 5 -19.58 18.07 -39.93
C ILE A 5 -18.95 16.81 -39.45
N SER A 6 -19.46 15.71 -39.92
CA SER A 6 -19.01 14.41 -39.47
C SER A 6 -17.71 13.98 -40.07
N MET A 7 -17.17 14.82 -40.91
CA MET A 7 -15.88 14.59 -41.49
C MET A 7 -14.83 15.40 -40.81
N ARG A 8 -15.28 16.40 -40.10
CA ARG A 8 -14.43 17.34 -39.40
C ARG A 8 -14.60 17.44 -37.90
N SER A 9 -15.69 16.90 -37.38
CA SER A 9 -15.99 16.88 -35.94
C SER A 9 -16.51 15.53 -35.49
N ILE A 10 -16.80 15.41 -34.21
CA ILE A 10 -17.31 14.19 -33.70
C ILE A 10 -18.78 14.25 -33.85
N ALA A 11 -19.22 13.63 -34.92
CA ALA A 11 -20.59 13.62 -35.22
C ALA A 11 -20.92 12.61 -36.27
N SER A 12 -22.05 11.96 -36.10
CA SER A 12 -22.55 11.06 -37.09
C SER A 12 -23.58 11.80 -37.93
N SER A 13 -24.47 11.08 -38.55
CA SER A 13 -25.49 11.70 -39.35
C SER A 13 -26.58 12.11 -38.43
N LYS A 14 -26.56 11.60 -37.23
CA LYS A 14 -27.60 11.86 -36.29
C LYS A 14 -27.21 12.54 -35.01
N LEU A 15 -25.99 12.42 -34.54
CA LEU A 15 -25.62 13.08 -33.31
C LEU A 15 -24.29 13.74 -33.37
N TRP A 16 -24.15 14.89 -32.75
CA TRP A 16 -22.90 15.61 -32.75
C TRP A 16 -22.52 16.09 -31.36
N MET A 17 -21.29 15.81 -30.96
CA MET A 17 -20.83 16.18 -29.64
C MET A 17 -20.20 17.53 -29.64
N LEU A 18 -20.89 18.47 -29.06
CA LEU A 18 -20.40 19.82 -28.95
C LEU A 18 -19.25 20.07 -28.01
N GLU A 19 -19.31 19.51 -26.82
CA GLU A 19 -18.27 19.73 -25.84
C GLU A 19 -18.02 18.53 -24.97
N PHE A 20 -16.79 18.39 -24.48
CA PHE A 20 -16.50 17.35 -23.54
C PHE A 20 -15.61 17.85 -22.45
N SER A 21 -15.89 17.54 -21.20
CA SER A 21 -14.99 18.00 -20.15
C SER A 21 -14.91 17.11 -18.92
N ALA A 22 -13.70 16.92 -18.41
CA ALA A 22 -13.45 16.18 -17.18
C ALA A 22 -12.72 17.15 -16.29
N PHE A 23 -13.12 17.29 -15.05
CA PHE A 23 -12.49 18.29 -14.22
C PHE A 23 -12.60 18.07 -12.72
N LEU A 24 -11.92 18.92 -11.97
CA LEU A 24 -11.93 18.90 -10.51
C LEU A 24 -12.26 20.31 -10.07
N GLU A 25 -13.19 20.46 -9.14
CA GLU A 25 -13.60 21.76 -8.70
C GLU A 25 -13.66 21.90 -7.21
N ARG A 26 -13.20 23.02 -6.71
CA ARG A 26 -13.27 23.30 -5.30
C ARG A 26 -13.63 24.75 -5.11
N GLN A 27 -14.44 25.00 -4.11
CA GLN A 27 -14.84 26.32 -3.83
C GLN A 27 -13.98 26.89 -2.74
N GLN A 28 -13.00 27.65 -3.13
CA GLN A 28 -12.10 28.22 -2.20
C GLN A 28 -12.83 29.18 -1.32
N ASP A 29 -13.62 30.08 -1.91
CA ASP A 29 -14.34 31.07 -1.11
C ASP A 29 -15.79 31.26 -1.53
N PRO A 30 -16.52 32.01 -0.74
CA PRO A 30 -17.93 32.29 -1.01
C PRO A 30 -18.11 32.84 -2.42
N ASP A 31 -17.11 33.56 -2.91
CA ASP A 31 -17.17 34.11 -4.24
C ASP A 31 -16.09 33.65 -5.16
N THR A 32 -15.23 32.77 -4.71
CA THR A 32 -14.14 32.29 -5.52
C THR A 32 -14.16 30.81 -5.63
N TYR A 33 -13.93 30.31 -6.83
CA TYR A 33 -13.91 28.87 -7.04
C TYR A 33 -12.84 28.41 -8.01
N ASN A 34 -12.38 27.19 -7.85
CA ASN A 34 -11.34 26.63 -8.70
C ASN A 34 -11.83 25.51 -9.55
N LYS A 35 -11.58 25.57 -10.83
CA LYS A 35 -11.98 24.52 -11.72
C LYS A 35 -10.76 24.17 -12.52
N HIS A 36 -10.35 22.92 -12.49
CA HIS A 36 -9.21 22.49 -13.29
C HIS A 36 -9.66 21.44 -14.24
N LEU A 37 -9.24 21.55 -15.47
CA LEU A 37 -9.68 20.60 -16.46
C LEU A 37 -8.62 19.63 -16.88
N PHE A 38 -8.86 18.37 -16.61
CA PHE A 38 -7.94 17.36 -17.02
C PHE A 38 -7.91 17.26 -18.51
N VAL A 39 -9.07 17.24 -19.13
CA VAL A 39 -9.21 17.20 -20.58
C VAL A 39 -10.37 18.08 -21.00
N HIS A 40 -10.31 18.69 -22.18
CA HIS A 40 -11.38 19.54 -22.65
C HIS A 40 -11.48 19.56 -24.15
N ILE A 41 -12.69 19.58 -24.68
CA ILE A 41 -12.89 19.73 -26.12
C ILE A 41 -14.01 20.72 -26.35
N SER A 42 -13.86 21.70 -27.22
CA SER A 42 -14.97 22.59 -27.45
C SER A 42 -15.18 23.04 -28.88
N GLN A 43 -15.46 22.09 -29.75
CA GLN A 43 -15.67 22.36 -31.15
C GLN A 43 -17.12 22.56 -31.54
N SER A 44 -17.66 23.73 -31.25
CA SER A 44 -19.05 24.00 -31.57
C SER A 44 -19.25 24.89 -32.76
N SER A 45 -18.17 25.30 -33.43
CA SER A 45 -18.32 26.11 -34.62
C SER A 45 -17.38 25.77 -35.74
N PRO A 46 -17.52 24.59 -36.28
CA PRO A 46 -16.75 24.15 -37.42
C PRO A 46 -17.19 24.80 -38.69
N SER A 47 -16.34 24.83 -39.67
CA SER A 47 -16.70 25.46 -40.91
C SER A 47 -16.36 24.54 -42.06
N TYR A 48 -17.02 24.73 -43.16
CA TYR A 48 -16.81 23.89 -44.32
C TYR A 48 -15.38 24.01 -44.84
N SER A 49 -14.77 25.14 -44.59
CA SER A 49 -13.41 25.38 -44.99
C SER A 49 -12.46 24.46 -44.27
N ASP A 50 -12.81 24.12 -43.04
CA ASP A 50 -11.94 23.32 -42.21
C ASP A 50 -11.60 21.99 -42.81
N PRO A 51 -10.39 21.55 -42.54
CA PRO A 51 -9.87 20.31 -43.05
C PRO A 51 -10.50 19.12 -42.43
N TYR A 52 -10.53 18.02 -43.17
CA TYR A 52 -11.08 16.78 -42.72
C TYR A 52 -10.22 16.19 -41.65
N LEU A 53 -10.80 15.37 -40.80
CA LEU A 53 -10.03 14.72 -39.78
C LEU A 53 -9.21 13.61 -40.38
N GLU A 54 -8.12 13.24 -39.72
CA GLU A 54 -7.29 12.18 -40.24
C GLU A 54 -7.86 10.83 -39.86
N THR A 55 -8.06 9.97 -40.83
CA THR A 55 -8.59 8.64 -40.60
C THR A 55 -7.63 7.67 -39.94
N VAL A 56 -8.16 6.74 -39.16
CA VAL A 56 -7.37 5.73 -38.46
C VAL A 56 -8.00 4.36 -38.73
N ASP A 57 -7.19 3.34 -38.92
CA ASP A 57 -7.74 2.02 -39.20
C ASP A 57 -8.19 1.43 -37.91
N ILE A 58 -9.45 1.11 -37.83
CA ILE A 58 -10.05 0.62 -36.60
C ILE A 58 -9.50 -0.69 -36.12
N ARG A 59 -9.08 -1.51 -37.06
CA ARG A 59 -8.54 -2.82 -36.76
C ARG A 59 -7.30 -2.73 -35.94
N GLN A 60 -6.59 -1.65 -36.09
CA GLN A 60 -5.39 -1.40 -35.34
C GLN A 60 -5.62 -1.25 -33.87
N ILE A 61 -6.75 -0.66 -33.51
CA ILE A 61 -7.06 -0.38 -32.12
C ILE A 61 -7.91 -1.39 -31.37
N TYR A 62 -8.16 -2.54 -31.96
CA TYR A 62 -9.00 -3.50 -31.32
C TYR A 62 -8.46 -3.98 -29.98
N ASP A 63 -7.14 -4.09 -29.86
CA ASP A 63 -6.53 -4.61 -28.64
C ASP A 63 -6.77 -3.87 -27.37
N LYS A 64 -6.75 -2.56 -27.45
CA LYS A 64 -6.87 -1.74 -26.28
C LYS A 64 -8.29 -1.51 -25.82
N PHE A 65 -9.22 -2.10 -26.52
CA PHE A 65 -10.62 -1.99 -26.21
C PHE A 65 -11.24 -3.36 -26.21
N PRO A 66 -12.39 -3.45 -25.58
CA PRO A 66 -13.04 -4.72 -25.38
C PRO A 66 -13.28 -5.45 -26.65
N GLU A 67 -13.20 -6.76 -26.50
CA GLU A 67 -13.37 -7.66 -27.60
C GLU A 67 -14.46 -8.64 -27.34
N LYS A 68 -14.56 -9.61 -28.22
CA LYS A 68 -15.57 -10.62 -28.06
C LYS A 68 -16.96 -9.99 -28.17
N LYS A 69 -17.94 -10.71 -27.65
CA LYS A 69 -19.32 -10.32 -27.76
C LYS A 69 -19.61 -9.01 -27.11
N GLY A 70 -20.25 -8.15 -27.88
CA GLY A 70 -20.63 -6.82 -27.44
C GLY A 70 -19.55 -5.76 -27.56
N GLY A 71 -18.41 -6.16 -28.07
CA GLY A 71 -17.26 -5.29 -28.23
C GLY A 71 -17.24 -4.44 -29.48
N LEU A 72 -16.13 -3.74 -29.64
CA LEU A 72 -15.93 -2.79 -30.71
C LEU A 72 -16.06 -3.35 -32.10
N LYS A 73 -15.47 -4.49 -32.36
CA LYS A 73 -15.58 -5.02 -33.69
C LYS A 73 -17.03 -5.26 -33.97
N GLU A 74 -17.70 -5.80 -32.99
CA GLU A 74 -19.08 -6.13 -33.15
C GLU A 74 -19.85 -4.90 -33.45
N LEU A 75 -19.64 -3.86 -32.65
CA LEU A 75 -20.38 -2.65 -32.83
C LEU A 75 -20.13 -2.00 -34.15
N PHE A 76 -18.86 -1.73 -34.43
CA PHE A 76 -18.48 -1.04 -35.64
C PHE A 76 -18.95 -1.80 -36.84
N GLU A 77 -18.89 -3.10 -36.74
CA GLU A 77 -19.30 -3.94 -37.81
C GLU A 77 -20.75 -3.75 -38.10
N ARG A 78 -21.50 -3.49 -37.04
CA ARG A 78 -22.94 -3.38 -37.12
C ARG A 78 -23.53 -2.01 -37.25
N GLY A 79 -23.08 -1.13 -36.38
CA GLY A 79 -23.55 0.25 -36.31
C GLY A 79 -23.09 1.06 -37.46
N PRO A 80 -23.61 2.27 -37.57
CA PRO A 80 -23.27 3.14 -38.68
C PRO A 80 -21.84 3.49 -38.57
N SER A 81 -21.13 3.39 -39.67
CA SER A 81 -19.72 3.64 -39.78
C SER A 81 -19.30 5.04 -39.48
N ASN A 82 -20.14 5.99 -39.83
CA ASN A 82 -19.80 7.39 -39.64
C ASN A 82 -19.76 7.84 -38.21
N ALA A 83 -20.18 6.98 -37.30
CA ALA A 83 -20.26 7.27 -35.88
C ALA A 83 -19.08 6.93 -35.03
N PHE A 84 -18.02 6.38 -35.59
CA PHE A 84 -16.86 5.96 -34.81
C PHE A 84 -15.68 6.87 -34.89
N PHE A 85 -15.24 7.29 -33.71
CA PHE A 85 -14.17 8.22 -33.53
C PHE A 85 -13.22 7.77 -32.48
N LEU A 86 -11.97 8.15 -32.61
CA LEU A 86 -10.97 7.82 -31.62
C LEU A 86 -10.33 9.09 -31.20
N VAL A 87 -10.17 9.31 -29.91
CA VAL A 87 -9.58 10.52 -29.44
C VAL A 87 -8.40 10.28 -28.55
N LYS A 88 -7.33 11.02 -28.73
CA LYS A 88 -6.17 10.90 -27.89
C LYS A 88 -6.09 12.15 -27.09
N PHE A 89 -5.89 12.01 -25.79
CA PHE A 89 -5.87 13.15 -24.90
C PHE A 89 -4.54 13.33 -24.24
N TRP A 90 -4.08 14.55 -24.15
CA TRP A 90 -2.89 14.81 -23.43
C TRP A 90 -3.42 15.54 -22.24
N ALA A 91 -3.61 14.82 -21.16
CA ALA A 91 -4.18 15.36 -19.96
C ALA A 91 -3.30 16.35 -19.29
N ASP A 92 -3.89 17.20 -18.47
CA ASP A 92 -3.13 18.17 -17.73
C ASP A 92 -3.37 17.81 -16.32
N LEU A 93 -2.38 17.25 -15.66
CA LEU A 93 -2.53 16.82 -14.29
C LEU A 93 -2.06 17.79 -13.24
N ASN A 94 -1.68 18.97 -13.66
CA ASN A 94 -1.11 19.90 -12.74
C ASN A 94 -2.10 20.69 -11.92
N THR A 95 -2.48 20.16 -10.78
CA THR A 95 -3.38 20.89 -9.97
C THR A 95 -3.19 20.56 -8.53
N ASN A 96 -3.55 21.49 -7.68
CA ASN A 96 -3.39 21.33 -6.27
C ASN A 96 -4.70 21.25 -5.52
N ILE A 97 -5.78 21.56 -6.19
CA ILE A 97 -7.09 21.62 -5.56
C ILE A 97 -7.49 20.44 -4.72
N ASP A 98 -6.73 19.37 -4.76
CA ASP A 98 -7.05 18.23 -3.94
C ASP A 98 -6.15 18.11 -2.72
N ASP A 99 -5.33 19.10 -2.47
CA ASP A 99 -4.49 19.00 -1.31
C ASP A 99 -5.32 18.94 -0.05
N GLU A 100 -6.06 20.00 0.21
CA GLU A 100 -6.84 20.03 1.43
C GLU A 100 -8.14 20.69 1.12
N GLY A 101 -9.19 20.25 1.80
CA GLY A 101 -10.51 20.80 1.55
C GLY A 101 -10.88 19.93 0.39
N SER A 102 -11.78 18.97 0.59
CA SER A 102 -12.09 18.09 -0.52
C SER A 102 -12.81 18.75 -1.70
N ALA A 103 -12.36 18.37 -2.89
CA ALA A 103 -12.84 18.86 -4.15
C ALA A 103 -13.99 18.05 -4.69
N PHE A 104 -14.34 18.32 -5.94
CA PHE A 104 -15.38 17.59 -6.64
C PHE A 104 -14.85 17.15 -7.97
N TYR A 105 -15.03 15.90 -8.34
CA TYR A 105 -14.57 15.45 -9.64
C TYR A 105 -15.77 14.98 -10.37
N GLY A 106 -15.91 15.44 -11.61
CA GLY A 106 -17.03 15.08 -12.46
C GLY A 106 -16.71 15.31 -13.91
N VAL A 107 -17.57 14.84 -14.80
CA VAL A 107 -17.39 15.01 -16.22
C VAL A 107 -18.67 15.60 -16.82
N SER A 108 -18.54 16.24 -17.97
CA SER A 108 -19.68 16.83 -18.63
C SER A 108 -19.54 16.82 -20.11
N SER A 109 -20.65 16.75 -20.82
CA SER A 109 -20.61 16.81 -22.26
C SER A 109 -21.91 17.36 -22.81
N GLN A 110 -21.84 17.92 -24.01
CA GLN A 110 -22.98 18.47 -24.72
C GLN A 110 -23.08 17.90 -26.11
N TYR A 111 -24.28 17.53 -26.52
CA TYR A 111 -24.54 16.99 -27.84
C TYR A 111 -25.67 17.73 -28.54
N GLU A 112 -25.72 17.63 -29.86
CA GLU A 112 -26.75 18.24 -30.68
C GLU A 112 -27.32 17.28 -31.68
N SER A 113 -28.63 17.31 -31.86
CA SER A 113 -29.26 16.43 -32.82
C SER A 113 -30.30 17.10 -33.66
N PRO A 114 -30.41 16.68 -34.90
CA PRO A 114 -31.42 17.16 -35.83
C PRO A 114 -32.79 16.67 -35.47
N GLU A 115 -32.82 15.45 -34.96
CA GLU A 115 -33.99 14.67 -34.59
C GLU A 115 -34.18 14.66 -33.09
N ASN A 116 -35.40 14.51 -32.62
CA ASN A 116 -35.66 14.44 -31.20
C ASN A 116 -35.57 13.03 -30.78
N MET A 117 -34.78 12.74 -29.77
CA MET A 117 -34.61 11.37 -29.34
C MET A 117 -34.27 11.27 -27.89
N ILE A 118 -34.14 10.05 -27.46
CA ILE A 118 -33.73 9.75 -26.11
C ILE A 118 -32.42 9.03 -26.33
N ILE A 119 -31.38 9.47 -25.67
CA ILE A 119 -30.10 8.86 -25.84
C ILE A 119 -29.53 8.24 -24.59
N THR A 120 -29.02 7.05 -24.75
CA THR A 120 -28.45 6.29 -23.67
C THR A 120 -26.98 6.29 -23.82
N CYS A 121 -26.26 6.75 -22.82
CA CYS A 121 -24.84 6.80 -22.91
C CYS A 121 -24.14 5.81 -22.02
N SER A 122 -23.39 4.89 -22.61
CA SER A 122 -22.66 3.90 -21.85
C SER A 122 -21.17 4.21 -21.89
N THR A 123 -20.56 4.35 -20.74
CA THR A 123 -19.14 4.66 -20.64
C THR A 123 -18.36 3.57 -19.95
N LYS A 124 -17.39 2.97 -20.61
CA LYS A 124 -16.58 1.92 -20.00
C LYS A 124 -15.11 2.23 -19.91
N VAL A 125 -14.54 1.98 -18.75
CA VAL A 125 -13.13 2.20 -18.50
C VAL A 125 -12.46 0.88 -18.71
N CYS A 126 -11.42 0.81 -19.51
CA CYS A 126 -10.81 -0.49 -19.76
C CYS A 126 -9.35 -0.69 -19.46
N SER A 127 -9.07 -1.62 -18.58
CA SER A 127 -7.70 -1.95 -18.21
C SER A 127 -7.26 -3.12 -19.01
N PHE A 128 -6.19 -2.93 -19.78
CA PHE A 128 -5.65 -3.99 -20.61
C PHE A 128 -6.74 -4.59 -21.47
N GLY A 129 -7.56 -3.72 -22.06
CA GLY A 129 -8.65 -4.18 -22.88
C GLY A 129 -9.89 -4.58 -22.12
N LYS A 130 -9.75 -5.36 -21.08
CA LYS A 130 -10.91 -5.80 -20.35
C LYS A 130 -11.61 -4.66 -19.64
N GLN A 131 -12.89 -4.86 -19.36
CA GLN A 131 -13.73 -3.87 -18.75
C GLN A 131 -13.74 -3.87 -17.25
N VAL A 132 -13.64 -2.70 -16.65
CA VAL A 132 -13.66 -2.64 -15.23
C VAL A 132 -14.91 -2.02 -14.68
N VAL A 133 -15.23 -0.84 -15.13
CA VAL A 133 -16.43 -0.17 -14.65
C VAL A 133 -17.24 0.31 -15.83
N GLU A 134 -18.55 0.29 -15.69
CA GLU A 134 -19.41 0.76 -16.74
C GLU A 134 -20.56 1.59 -16.20
N LYS A 135 -20.67 2.83 -16.62
CA LYS A 135 -21.74 3.70 -16.15
C LYS A 135 -22.67 3.98 -17.29
N VAL A 136 -23.96 4.07 -17.00
CA VAL A 136 -24.96 4.34 -18.02
C VAL A 136 -25.85 5.53 -17.63
N GLU A 137 -26.14 6.41 -18.56
CA GLU A 137 -26.99 7.54 -18.25
C GLU A 137 -27.94 7.78 -19.36
N THR A 138 -29.14 8.22 -19.06
CA THR A 138 -30.10 8.48 -20.09
C THR A 138 -30.39 9.95 -20.09
N GLU A 139 -30.19 10.56 -21.25
CA GLU A 139 -30.35 11.96 -21.40
C GLU A 139 -31.44 12.25 -22.38
N TYR A 140 -32.19 13.31 -22.12
CA TYR A 140 -33.35 13.69 -22.91
C TYR A 140 -33.17 15.03 -23.55
N ALA A 141 -33.83 15.27 -24.66
CA ALA A 141 -33.74 16.49 -25.44
C ALA A 141 -34.55 17.72 -25.11
N ARG A 142 -34.03 18.82 -25.61
CA ARG A 142 -34.62 20.13 -25.55
C ARG A 142 -34.46 20.79 -26.88
N TYR A 143 -35.51 21.42 -27.36
CA TYR A 143 -35.47 22.14 -28.61
C TYR A 143 -34.82 23.48 -28.45
N GLU A 144 -33.91 23.77 -29.33
CA GLU A 144 -33.24 25.03 -29.36
C GLU A 144 -32.75 25.28 -30.75
N ASN A 145 -33.06 26.42 -31.32
CA ASN A 145 -32.48 26.79 -32.58
C ASN A 145 -32.62 25.86 -33.75
N GLY A 146 -33.74 25.20 -33.87
CA GLY A 146 -33.96 24.32 -35.00
C GLY A 146 -33.43 22.93 -34.85
N HIS A 147 -32.94 22.65 -33.68
CA HIS A 147 -32.35 21.37 -33.39
C HIS A 147 -32.53 20.98 -31.94
N TYR A 148 -32.02 19.81 -31.60
CA TYR A 148 -32.19 19.25 -30.28
C TYR A 148 -30.93 19.15 -29.48
N LEU A 149 -31.02 19.39 -28.19
CA LEU A 149 -29.86 19.41 -27.33
C LEU A 149 -29.90 18.55 -26.11
N TYR A 150 -28.78 17.88 -25.84
CA TYR A 150 -28.62 16.96 -24.72
C TYR A 150 -27.37 17.19 -23.91
N ARG A 151 -27.31 16.67 -22.71
CA ARG A 151 -26.11 16.86 -21.97
C ARG A 151 -25.89 16.00 -20.75
N ILE A 152 -24.66 15.82 -20.39
CA ILE A 152 -24.30 15.10 -19.20
C ILE A 152 -23.74 16.26 -18.41
N HIS A 153 -24.31 16.50 -17.26
CA HIS A 153 -23.88 17.65 -16.54
C HIS A 153 -23.41 17.33 -15.17
N ARG A 154 -22.14 17.62 -14.93
CA ARG A 154 -21.55 17.42 -13.63
C ARG A 154 -21.74 16.01 -13.13
N SER A 155 -21.48 15.03 -13.95
CA SER A 155 -21.63 13.66 -13.52
C SER A 155 -20.55 13.34 -12.54
N PRO A 156 -20.89 12.67 -11.47
CA PRO A 156 -19.89 12.37 -10.46
C PRO A 156 -19.00 11.24 -10.86
N LEU A 157 -17.71 11.49 -10.87
CA LEU A 157 -16.72 10.50 -11.18
C LEU A 157 -16.76 9.48 -10.10
N CYS A 158 -16.71 8.23 -10.49
CA CYS A 158 -16.73 7.16 -9.54
C CYS A 158 -15.43 7.09 -8.81
N GLU A 159 -15.49 6.46 -7.66
CA GLU A 159 -14.39 6.36 -6.72
C GLU A 159 -13.19 5.73 -7.33
N TYR A 160 -13.40 4.77 -8.19
CA TYR A 160 -12.29 4.11 -8.82
C TYR A 160 -11.50 5.11 -9.58
N MET A 161 -12.22 6.00 -10.22
CA MET A 161 -11.61 7.02 -11.03
C MET A 161 -10.74 7.99 -10.26
N ILE A 162 -11.25 8.48 -9.15
CA ILE A 162 -10.51 9.44 -8.37
C ILE A 162 -9.26 8.81 -7.85
N ASN A 163 -9.37 7.57 -7.45
CA ASN A 163 -8.23 6.85 -6.90
C ASN A 163 -7.17 6.77 -7.94
N PHE A 164 -7.58 6.42 -9.13
CA PHE A 164 -6.66 6.24 -10.19
C PHE A 164 -5.89 7.51 -10.43
N ILE A 165 -6.58 8.62 -10.44
CA ILE A 165 -5.94 9.91 -10.65
C ILE A 165 -4.98 10.22 -9.53
N HIS A 166 -5.39 9.85 -8.33
CA HIS A 166 -4.60 10.12 -7.16
C HIS A 166 -3.26 9.45 -7.24
N LYS A 167 -3.26 8.17 -7.53
CA LYS A 167 -2.02 7.43 -7.64
C LYS A 167 -1.23 8.00 -8.77
N LEU A 168 -1.89 8.28 -9.86
CA LEU A 168 -1.21 8.79 -11.01
C LEU A 168 -0.56 10.14 -10.78
N LYS A 169 -1.32 11.06 -10.19
CA LYS A 169 -0.81 12.39 -9.88
C LYS A 169 0.30 12.32 -8.86
N HIS A 170 0.22 11.40 -7.92
CA HIS A 170 1.30 11.29 -6.95
C HIS A 170 2.41 10.44 -7.54
N LEU A 171 3.04 10.92 -8.61
CA LEU A 171 4.13 10.19 -9.20
C LEU A 171 5.27 11.10 -9.54
N PRO A 172 6.46 10.56 -9.43
CA PRO A 172 7.71 11.25 -9.67
C PRO A 172 8.02 11.76 -11.06
N GLU A 173 7.86 10.94 -12.08
CA GLU A 173 8.18 11.38 -13.41
C GLU A 173 7.02 11.18 -14.38
N LYS A 174 7.00 11.98 -15.44
CA LYS A 174 5.90 11.94 -16.38
C LYS A 174 5.83 10.72 -17.22
N TYR A 175 6.97 10.11 -17.50
CA TYR A 175 6.99 8.91 -18.33
C TYR A 175 6.44 7.71 -17.60
N MET A 176 6.55 7.73 -16.29
CA MET A 176 6.01 6.68 -15.50
C MET A 176 4.53 6.90 -15.63
N MET A 177 4.11 8.14 -15.86
CA MET A 177 2.69 8.33 -16.07
C MET A 177 2.23 7.78 -17.40
N ASN A 178 2.85 8.19 -18.47
CA ASN A 178 2.40 7.75 -19.75
C ASN A 178 2.44 6.28 -19.84
N SER A 179 3.38 5.67 -19.17
CA SER A 179 3.50 4.24 -19.25
C SER A 179 2.26 3.55 -18.72
N VAL A 180 1.78 4.01 -17.58
CA VAL A 180 0.59 3.46 -16.99
C VAL A 180 -0.59 3.74 -17.88
N LEU A 181 -0.58 4.90 -18.49
CA LEU A 181 -1.65 5.33 -19.36
C LEU A 181 -1.72 4.56 -20.63
N GLU A 182 -0.68 3.80 -20.92
CA GLU A 182 -0.63 3.05 -22.13
C GLU A 182 -1.71 1.99 -22.17
N ASN A 183 -2.04 1.47 -21.01
CA ASN A 183 -3.02 0.41 -20.91
C ASN A 183 -4.36 0.77 -20.36
N PHE A 184 -4.69 2.05 -20.31
CA PHE A 184 -5.97 2.47 -19.79
C PHE A 184 -6.70 3.20 -20.87
N THR A 185 -7.90 2.76 -21.13
CA THR A 185 -8.74 3.36 -22.13
C THR A 185 -10.19 3.33 -21.76
N ILE A 186 -10.94 4.24 -22.36
CA ILE A 186 -12.37 4.37 -22.14
C ILE A 186 -13.12 4.33 -23.42
N LEU A 187 -14.25 3.65 -23.43
CA LEU A 187 -15.10 3.57 -24.60
C LEU A 187 -16.47 4.06 -24.25
N GLN A 188 -16.96 5.04 -24.97
CA GLN A 188 -18.27 5.54 -24.70
C GLN A 188 -19.11 5.37 -25.92
N VAL A 189 -20.28 4.79 -25.73
CA VAL A 189 -21.21 4.55 -26.80
C VAL A 189 -22.51 5.23 -26.54
N VAL A 190 -22.99 6.01 -27.49
CA VAL A 190 -24.27 6.70 -27.33
C VAL A 190 -25.27 6.08 -28.26
N THR A 191 -26.37 5.60 -27.70
CA THR A 191 -27.43 4.92 -28.45
C THR A 191 -28.77 5.58 -28.33
N ASN A 192 -29.61 5.32 -29.33
CA ASN A 192 -30.94 5.85 -29.41
C ASN A 192 -31.68 4.81 -28.67
N ARG A 193 -32.26 5.15 -27.54
CA ARG A 193 -32.94 4.16 -26.76
C ARG A 193 -34.09 3.49 -27.43
N ASP A 194 -34.98 4.23 -28.05
CA ASP A 194 -36.09 3.56 -28.63
C ASP A 194 -35.67 2.63 -29.70
N THR A 195 -34.93 3.10 -30.68
CA THR A 195 -34.52 2.27 -31.82
C THR A 195 -33.22 1.47 -31.75
N GLN A 196 -32.38 1.79 -30.78
CA GLN A 196 -31.14 1.10 -30.56
C GLN A 196 -30.02 1.37 -31.53
N GLU A 197 -30.15 2.33 -32.42
CA GLU A 197 -29.10 2.69 -33.35
C GLU A 197 -27.97 3.35 -32.59
N THR A 198 -26.78 3.27 -33.13
CA THR A 198 -25.62 3.79 -32.47
C THR A 198 -25.39 5.12 -33.06
N LEU A 199 -25.38 6.15 -32.25
CA LEU A 199 -25.19 7.47 -32.76
C LEU A 199 -23.79 8.02 -32.68
N LEU A 200 -23.10 7.68 -31.61
CA LEU A 200 -21.72 8.11 -31.47
C LEU A 200 -20.92 7.07 -30.73
N CYS A 201 -19.76 6.72 -31.23
CA CYS A 201 -18.91 5.82 -30.47
C CYS A 201 -17.55 6.43 -30.42
N ILE A 202 -17.12 6.85 -29.25
CA ILE A 202 -15.83 7.47 -29.11
C ILE A 202 -14.97 6.62 -28.24
N ALA A 203 -13.74 6.38 -28.67
CA ALA A 203 -12.81 5.59 -27.93
C ALA A 203 -11.77 6.52 -27.44
N TYR A 204 -11.45 6.49 -26.17
CA TYR A 204 -10.44 7.39 -25.65
C TYR A 204 -9.15 6.72 -25.19
N VAL A 205 -8.03 7.29 -25.60
CA VAL A 205 -6.70 6.84 -25.25
C VAL A 205 -5.94 7.99 -24.64
N PHE A 206 -5.02 7.71 -23.74
CA PHE A 206 -4.33 8.79 -23.09
C PHE A 206 -2.81 8.85 -23.03
N GLU A 207 -2.35 10.06 -22.77
CA GLU A 207 -0.95 10.44 -22.54
C GLU A 207 -0.98 11.71 -21.68
N VAL A 208 0.05 11.97 -20.90
CA VAL A 208 0.07 13.16 -20.08
C VAL A 208 0.81 14.26 -20.80
N SER A 209 0.41 15.49 -20.62
CA SER A 209 1.07 16.58 -21.32
C SER A 209 2.51 16.82 -20.95
N ALA A 210 3.31 17.03 -21.97
CA ALA A 210 4.71 17.38 -21.84
C ALA A 210 4.84 18.76 -21.23
N SER A 211 3.93 19.63 -21.64
CA SER A 211 3.91 21.02 -21.21
C SER A 211 3.53 21.19 -19.79
N GLU A 212 4.06 22.22 -19.18
CA GLU A 212 3.81 22.44 -17.78
C GLU A 212 2.36 22.69 -17.52
N HIS A 213 1.75 23.49 -18.38
CA HIS A 213 0.38 23.86 -18.22
C HIS A 213 -0.38 23.59 -19.48
N GLY A 214 -1.63 23.15 -19.32
CA GLY A 214 -2.52 22.90 -20.42
C GLY A 214 -2.67 21.48 -20.89
N ALA A 215 -3.78 21.20 -21.55
CA ALA A 215 -4.09 19.88 -22.09
C ALA A 215 -4.35 19.96 -23.58
N GLN A 216 -4.24 18.85 -24.27
CA GLN A 216 -4.43 18.87 -25.71
C GLN A 216 -5.11 17.62 -26.23
N HIS A 217 -5.52 17.62 -27.47
CA HIS A 217 -6.16 16.44 -27.99
C HIS A 217 -6.08 16.37 -29.49
N HIS A 218 -6.32 15.19 -30.00
CA HIS A 218 -6.34 14.94 -31.42
C HIS A 218 -7.47 13.98 -31.70
N ILE A 219 -8.19 14.22 -32.77
CA ILE A 219 -9.33 13.42 -33.09
C ILE A 219 -9.20 12.75 -34.41
N TYR A 220 -9.56 11.50 -34.44
CA TYR A 220 -9.48 10.73 -35.65
C TYR A 220 -10.77 10.04 -35.94
N ARG A 221 -11.01 9.74 -37.18
CA ARG A 221 -12.19 9.05 -37.57
C ARG A 221 -11.86 7.61 -37.90
N LEU A 222 -12.42 6.68 -37.18
CA LEU A 222 -12.17 5.28 -37.39
C LEU A 222 -12.69 4.76 -38.71
N VAL A 223 -12.01 3.76 -39.25
CA VAL A 223 -12.39 3.13 -40.51
C VAL A 223 -12.11 1.65 -40.49
N LEU B 2 -48.80 19.45 -7.18
CA LEU B 2 -48.00 20.66 -7.18
C LEU B 2 -48.65 21.77 -6.37
N ASN B 3 -49.94 21.65 -6.16
CA ASN B 3 -50.74 22.62 -5.42
C ASN B 3 -50.27 22.75 -3.98
N TRP B 4 -49.73 21.69 -3.40
CA TRP B 4 -49.22 21.77 -2.04
C TRP B 4 -48.07 22.75 -1.99
N ILE B 5 -47.25 22.65 -3.01
CA ILE B 5 -46.06 23.43 -3.17
C ILE B 5 -46.35 24.88 -3.31
N SER B 6 -47.42 25.24 -4.01
CA SER B 6 -47.77 26.65 -4.23
C SER B 6 -48.08 27.43 -2.99
N MET B 7 -48.49 26.73 -1.96
CA MET B 7 -48.75 27.37 -0.72
C MET B 7 -47.47 27.77 -0.08
N ARG B 8 -46.44 26.94 -0.22
CA ARG B 8 -45.16 27.16 0.39
C ARG B 8 -44.01 27.65 -0.47
N SER B 9 -44.25 27.79 -1.75
CA SER B 9 -43.21 28.23 -2.66
C SER B 9 -43.78 29.07 -3.79
N ILE B 10 -42.93 29.58 -4.65
CA ILE B 10 -43.37 30.33 -5.78
C ILE B 10 -43.71 29.30 -6.82
N ALA B 11 -44.87 28.73 -6.67
CA ALA B 11 -45.31 27.77 -7.61
C ALA B 11 -46.77 27.91 -7.84
N SER B 12 -47.19 27.46 -8.98
CA SER B 12 -48.59 27.44 -9.32
C SER B 12 -48.98 25.98 -9.59
N SER B 13 -50.16 25.78 -10.09
CA SER B 13 -50.58 24.45 -10.40
C SER B 13 -49.81 23.90 -11.57
N LYS B 14 -49.46 24.79 -12.49
CA LYS B 14 -48.77 24.43 -13.70
C LYS B 14 -47.27 24.65 -13.80
N LEU B 15 -46.71 25.57 -13.04
CA LEU B 15 -45.30 25.79 -13.14
C LEU B 15 -44.69 26.24 -11.85
N TRP B 16 -43.49 25.80 -11.51
CA TRP B 16 -42.82 26.38 -10.36
C TRP B 16 -41.37 26.79 -10.52
N MET B 17 -41.01 27.90 -9.92
CA MET B 17 -39.67 28.41 -9.97
C MET B 17 -38.81 27.59 -9.07
N LEU B 18 -37.73 27.07 -9.60
CA LEU B 18 -36.82 26.30 -8.82
C LEU B 18 -35.63 27.08 -8.42
N GLU B 19 -35.14 27.92 -9.32
CA GLU B 19 -33.96 28.74 -9.04
C GLU B 19 -33.88 29.98 -9.92
N PHE B 20 -33.64 31.12 -9.28
CA PHE B 20 -33.53 32.40 -9.97
C PHE B 20 -32.39 33.19 -9.34
N SER B 21 -31.43 33.61 -10.16
CA SER B 21 -30.30 34.34 -9.65
C SER B 21 -29.78 35.38 -10.60
N ALA B 22 -29.10 36.37 -10.04
CA ALA B 22 -28.46 37.44 -10.78
C ALA B 22 -27.03 37.46 -10.31
N PHE B 23 -26.07 37.58 -11.21
CA PHE B 23 -24.70 37.49 -10.79
C PHE B 23 -23.72 38.29 -11.59
N LEU B 24 -22.51 38.30 -11.09
CA LEU B 24 -21.39 38.96 -11.72
C LEU B 24 -20.27 37.96 -11.69
N GLU B 25 -19.59 37.77 -12.78
CA GLU B 25 -18.46 36.88 -12.74
C GLU B 25 -17.35 37.25 -13.69
N ARG B 26 -16.15 36.81 -13.36
CA ARG B 26 -14.97 37.10 -14.19
C ARG B 26 -13.84 36.14 -13.85
N GLN B 27 -13.25 35.53 -14.88
CA GLN B 27 -12.15 34.59 -14.69
C GLN B 27 -10.86 35.27 -14.26
N GLN B 28 -10.49 35.09 -13.00
CA GLN B 28 -9.27 35.69 -12.47
C GLN B 28 -8.08 35.19 -13.27
N ASP B 29 -8.01 33.87 -13.44
CA ASP B 29 -6.94 33.26 -14.20
C ASP B 29 -7.40 31.93 -14.75
N PRO B 30 -6.45 31.13 -15.19
CA PRO B 30 -6.75 29.88 -15.84
C PRO B 30 -7.49 28.91 -14.97
N ASP B 31 -7.11 28.80 -13.71
CA ASP B 31 -7.80 27.86 -12.86
C ASP B 31 -8.68 28.46 -11.80
N THR B 32 -8.84 29.76 -11.80
CA THR B 32 -9.69 30.37 -10.80
C THR B 32 -10.69 31.37 -11.34
N TYR B 33 -11.92 31.27 -10.85
CA TYR B 33 -13.01 32.16 -11.23
C TYR B 33 -13.70 32.67 -10.01
N ASN B 34 -14.33 33.82 -10.16
CA ASN B 34 -15.09 34.43 -9.12
C ASN B 34 -16.48 34.64 -9.64
N LYS B 35 -17.47 34.33 -8.84
CA LYS B 35 -18.83 34.61 -9.23
C LYS B 35 -19.55 35.16 -8.05
N HIS B 36 -20.02 36.37 -8.15
CA HIS B 36 -20.74 36.98 -7.06
C HIS B 36 -22.20 37.03 -7.39
N LEU B 37 -23.05 36.72 -6.42
CA LEU B 37 -24.49 36.75 -6.63
C LEU B 37 -25.16 37.91 -6.00
N PHE B 38 -25.75 38.78 -6.79
CA PHE B 38 -26.47 39.92 -6.24
C PHE B 38 -27.70 39.54 -5.48
N VAL B 39 -28.54 38.76 -6.11
CA VAL B 39 -29.78 38.19 -5.58
C VAL B 39 -29.80 36.71 -5.91
N HIS B 40 -30.39 35.91 -5.07
CA HIS B 40 -30.46 34.49 -5.32
C HIS B 40 -31.65 33.87 -4.67
N ILE B 41 -32.32 32.95 -5.34
CA ILE B 41 -33.42 32.17 -4.77
C ILE B 41 -33.25 30.71 -5.13
N SER B 42 -33.39 29.80 -4.20
CA SER B 42 -33.38 28.38 -4.50
C SER B 42 -34.57 27.74 -3.84
N GLN B 43 -35.42 27.10 -4.60
CA GLN B 43 -36.59 26.41 -4.06
C GLN B 43 -36.60 24.98 -4.53
N SER B 44 -35.43 24.39 -4.58
CA SER B 44 -35.28 23.04 -5.03
C SER B 44 -35.96 21.95 -4.20
N SER B 45 -35.92 22.06 -2.87
CA SER B 45 -36.55 21.01 -2.09
C SER B 45 -37.27 21.42 -0.83
N PRO B 46 -38.52 21.78 -0.99
CA PRO B 46 -39.41 22.18 0.10
C PRO B 46 -40.17 20.99 0.65
N SER B 47 -40.76 21.11 1.83
CA SER B 47 -41.49 20.00 2.40
C SER B 47 -42.83 20.40 2.92
N TYR B 48 -43.63 19.42 3.28
CA TYR B 48 -44.94 19.70 3.78
C TYR B 48 -44.87 20.45 5.09
N SER B 49 -43.73 20.33 5.77
CA SER B 49 -43.48 21.01 7.03
C SER B 49 -43.08 22.44 6.87
N ASP B 50 -42.74 22.81 5.66
CA ASP B 50 -42.35 24.18 5.37
C ASP B 50 -43.57 25.03 5.57
N PRO B 51 -43.38 26.21 6.10
CA PRO B 51 -44.50 27.09 6.39
C PRO B 51 -45.25 27.65 5.21
N TYR B 52 -46.53 27.89 5.38
CA TYR B 52 -47.31 28.51 4.36
C TYR B 52 -46.82 29.92 4.24
N LEU B 53 -46.69 30.38 3.03
CA LEU B 53 -46.23 31.71 2.75
C LEU B 53 -47.19 32.74 3.23
N GLU B 54 -46.66 33.86 3.65
CA GLU B 54 -47.45 34.98 4.07
C GLU B 54 -48.09 35.62 2.89
N THR B 55 -49.19 36.30 3.10
CA THR B 55 -49.89 36.90 2.01
C THR B 55 -49.87 38.38 2.06
N VAL B 56 -49.91 38.98 0.90
CA VAL B 56 -49.94 40.41 0.75
C VAL B 56 -51.15 40.78 -0.07
N ASP B 57 -51.87 41.81 0.32
CA ASP B 57 -53.02 42.21 -0.43
C ASP B 57 -52.53 42.92 -1.64
N ILE B 58 -52.91 42.40 -2.77
CA ILE B 58 -52.45 42.87 -4.06
C ILE B 58 -52.83 44.27 -4.39
N ARG B 59 -53.90 44.72 -3.81
CA ARG B 59 -54.39 46.06 -4.01
C ARG B 59 -53.37 47.09 -3.58
N GLN B 60 -52.56 46.70 -2.62
CA GLN B 60 -51.54 47.55 -2.08
C GLN B 60 -50.39 47.86 -2.99
N ILE B 61 -50.18 47.07 -4.02
CA ILE B 61 -49.03 47.28 -4.87
C ILE B 61 -49.17 47.78 -6.28
N TYR B 62 -50.38 48.12 -6.67
CA TYR B 62 -50.65 48.56 -8.01
C TYR B 62 -49.91 49.82 -8.37
N ASP B 63 -49.76 50.71 -7.41
CA ASP B 63 -49.08 51.95 -7.72
C ASP B 63 -47.66 51.75 -8.07
N LYS B 64 -47.10 50.67 -7.59
CA LYS B 64 -45.69 50.35 -7.78
C LYS B 64 -45.36 49.48 -8.97
N PHE B 65 -46.37 49.11 -9.73
CA PHE B 65 -46.24 48.32 -10.92
C PHE B 65 -47.21 48.84 -11.98
N PRO B 66 -47.05 48.32 -13.17
CA PRO B 66 -47.77 48.80 -14.33
C PRO B 66 -49.23 48.76 -14.10
N GLU B 67 -49.89 49.71 -14.69
CA GLU B 67 -51.30 49.92 -14.53
C GLU B 67 -52.01 50.01 -15.84
N LYS B 68 -53.31 50.09 -15.78
CA LYS B 68 -54.15 50.18 -16.96
C LYS B 68 -54.05 48.92 -17.77
N LYS B 69 -54.30 49.07 -19.06
CA LYS B 69 -54.33 47.95 -19.95
C LYS B 69 -53.02 47.26 -20.09
N GLY B 70 -53.07 45.98 -19.86
CA GLY B 70 -51.89 45.15 -19.86
C GLY B 70 -51.20 45.09 -18.52
N GLY B 71 -51.75 45.82 -17.58
CA GLY B 71 -51.25 45.95 -16.24
C GLY B 71 -51.55 44.80 -15.32
N LEU B 72 -51.06 44.91 -14.09
CA LEU B 72 -51.19 43.89 -13.05
C LEU B 72 -52.56 43.56 -12.55
N LYS B 73 -53.37 44.57 -12.31
CA LYS B 73 -54.71 44.36 -11.83
C LYS B 73 -55.49 43.58 -12.82
N GLU B 74 -55.30 43.93 -14.06
CA GLU B 74 -55.96 43.28 -15.13
C GLU B 74 -55.52 41.86 -15.16
N LEU B 75 -54.23 41.66 -15.05
CA LEU B 75 -53.64 40.36 -15.11
C LEU B 75 -54.08 39.44 -14.02
N PHE B 76 -54.04 39.92 -12.78
CA PHE B 76 -54.41 39.14 -11.61
C PHE B 76 -55.83 38.72 -11.60
N GLU B 77 -56.70 39.63 -11.98
CA GLU B 77 -58.10 39.36 -12.03
C GLU B 77 -58.37 38.29 -13.05
N ARG B 78 -57.80 38.43 -14.22
CA ARG B 78 -57.98 37.45 -15.27
C ARG B 78 -57.36 36.11 -15.04
N GLY B 79 -56.07 36.10 -14.78
CA GLY B 79 -55.35 34.85 -14.61
C GLY B 79 -55.67 34.15 -13.34
N PRO B 80 -55.16 32.94 -13.16
CA PRO B 80 -55.42 32.20 -11.94
C PRO B 80 -54.79 32.91 -10.77
N SER B 81 -55.38 32.81 -9.60
CA SER B 81 -54.85 33.51 -8.47
C SER B 81 -53.73 32.81 -7.78
N ASN B 82 -53.54 31.57 -8.10
CA ASN B 82 -52.51 30.82 -7.45
C ASN B 82 -51.14 30.98 -8.06
N ALA B 83 -51.08 31.83 -9.06
CA ALA B 83 -49.89 32.12 -9.81
C ALA B 83 -49.20 33.40 -9.48
N PHE B 84 -49.66 34.12 -8.48
CA PHE B 84 -49.11 35.42 -8.19
C PHE B 84 -48.32 35.48 -6.91
N PHE B 85 -47.16 36.11 -6.97
CA PHE B 85 -46.26 36.22 -5.85
C PHE B 85 -45.55 37.53 -5.81
N LEU B 86 -45.08 37.88 -4.64
CA LEU B 86 -44.27 39.06 -4.43
C LEU B 86 -42.99 38.60 -3.78
N VAL B 87 -41.85 38.97 -4.30
CA VAL B 87 -40.61 38.59 -3.68
C VAL B 87 -39.89 39.82 -3.27
N LYS B 88 -39.51 39.94 -2.01
CA LYS B 88 -38.75 41.08 -1.57
C LYS B 88 -37.33 40.65 -1.35
N PHE B 89 -36.44 41.42 -1.92
CA PHE B 89 -35.05 41.11 -1.93
C PHE B 89 -34.20 42.09 -1.16
N TRP B 90 -33.11 41.57 -0.61
CA TRP B 90 -32.14 42.37 0.07
C TRP B 90 -30.88 41.92 -0.63
N ALA B 91 -30.44 42.70 -1.58
CA ALA B 91 -29.29 42.43 -2.41
C ALA B 91 -27.91 42.63 -1.84
N ASP B 92 -26.99 41.79 -2.30
CA ASP B 92 -25.62 41.85 -1.89
C ASP B 92 -24.80 42.51 -2.97
N LEU B 93 -24.53 43.79 -2.83
CA LEU B 93 -23.80 44.50 -3.83
C LEU B 93 -22.31 44.56 -3.55
N ASN B 94 -21.85 43.83 -2.56
CA ASN B 94 -20.46 43.87 -2.13
C ASN B 94 -19.45 43.03 -2.90
N THR B 95 -19.03 43.52 -4.04
CA THR B 95 -18.08 42.80 -4.81
C THR B 95 -17.10 43.71 -5.48
N ASN B 96 -15.84 43.30 -5.48
CA ASN B 96 -14.80 44.08 -6.06
C ASN B 96 -14.58 43.80 -7.52
N ILE B 97 -15.23 42.80 -8.07
CA ILE B 97 -15.02 42.30 -9.45
C ILE B 97 -14.68 43.07 -10.77
N ASP B 98 -15.55 43.99 -11.17
CA ASP B 98 -15.58 44.67 -12.48
C ASP B 98 -14.73 45.95 -12.36
N ASP B 99 -13.80 45.94 -11.44
CA ASP B 99 -12.90 47.03 -11.23
C ASP B 99 -12.12 46.99 -12.50
N GLU B 100 -11.75 45.80 -12.88
CA GLU B 100 -11.05 45.61 -14.12
C GLU B 100 -11.98 45.92 -15.30
N GLY B 101 -13.26 45.70 -15.09
CA GLY B 101 -14.23 45.87 -16.14
C GLY B 101 -14.32 44.66 -17.05
N SER B 102 -13.64 43.59 -16.66
CA SER B 102 -13.60 42.39 -17.46
C SER B 102 -14.74 41.43 -17.21
N ALA B 103 -15.59 41.77 -16.25
CA ALA B 103 -16.72 40.96 -15.83
C ALA B 103 -17.93 40.83 -16.70
N PHE B 104 -18.67 39.75 -16.51
CA PHE B 104 -19.88 39.46 -17.24
C PHE B 104 -20.99 39.49 -16.27
N TYR B 105 -22.05 40.22 -16.59
CA TYR B 105 -23.21 40.31 -15.71
C TYR B 105 -24.33 39.45 -16.30
N GLY B 106 -24.85 38.52 -15.51
CA GLY B 106 -25.89 37.65 -15.99
C GLY B 106 -27.01 37.29 -15.03
N VAL B 107 -28.08 36.76 -15.60
CA VAL B 107 -29.25 36.33 -14.90
C VAL B 107 -29.56 34.88 -15.28
N SER B 108 -29.96 34.05 -14.34
CA SER B 108 -30.27 32.67 -14.61
C SER B 108 -31.54 32.27 -13.90
N SER B 109 -32.34 31.41 -14.52
CA SER B 109 -33.53 30.92 -13.86
C SER B 109 -33.92 29.54 -14.35
N GLN B 110 -34.51 28.74 -13.46
CA GLN B 110 -34.96 27.41 -13.76
C GLN B 110 -36.31 27.10 -13.26
N TYR B 111 -37.10 26.39 -14.04
CA TYR B 111 -38.47 26.04 -13.69
C TYR B 111 -38.86 24.61 -13.96
N GLU B 112 -39.88 24.16 -13.27
CA GLU B 112 -40.37 22.82 -13.45
C GLU B 112 -41.86 22.78 -13.63
N SER B 113 -42.31 21.95 -14.55
CA SER B 113 -43.73 21.80 -14.80
C SER B 113 -44.09 20.35 -14.94
N PRO B 114 -45.32 20.03 -14.62
CA PRO B 114 -45.86 18.69 -14.80
C PRO B 114 -46.00 18.36 -16.26
N GLU B 115 -46.37 19.32 -17.06
CA GLU B 115 -46.59 19.19 -18.47
C GLU B 115 -45.52 19.72 -19.41
N ASN B 116 -45.64 19.36 -20.67
CA ASN B 116 -44.73 19.80 -21.67
C ASN B 116 -45.33 20.95 -22.43
N MET B 117 -44.77 22.13 -22.28
CA MET B 117 -45.30 23.26 -22.99
C MET B 117 -44.24 24.17 -23.51
N ILE B 118 -44.63 25.07 -24.37
CA ILE B 118 -43.73 26.07 -24.85
C ILE B 118 -44.19 27.27 -24.10
N ILE B 119 -43.29 27.86 -23.35
CA ILE B 119 -43.64 28.99 -22.55
C ILE B 119 -42.82 30.19 -22.90
N THR B 120 -43.40 31.37 -22.80
CA THR B 120 -42.70 32.59 -23.05
C THR B 120 -42.69 33.39 -21.81
N CYS B 121 -41.55 33.95 -21.47
CA CYS B 121 -41.46 34.72 -20.25
C CYS B 121 -41.15 36.18 -20.51
N SER B 122 -42.02 37.06 -20.04
CA SER B 122 -41.86 38.48 -20.22
C SER B 122 -41.30 39.08 -18.96
N THR B 123 -40.41 40.05 -19.07
CA THR B 123 -39.83 40.70 -17.91
C THR B 123 -39.86 42.19 -18.09
N LYS B 124 -40.40 42.93 -17.16
CA LYS B 124 -40.44 44.38 -17.27
C LYS B 124 -39.75 45.09 -16.13
N VAL B 125 -38.91 46.08 -16.40
CA VAL B 125 -38.32 46.81 -15.30
C VAL B 125 -38.95 48.16 -15.28
N CYS B 126 -39.43 48.56 -14.11
CA CYS B 126 -40.15 49.80 -13.99
C CYS B 126 -39.68 50.82 -12.98
N SER B 127 -39.80 52.07 -13.37
CA SER B 127 -39.44 53.20 -12.53
C SER B 127 -40.73 53.88 -12.27
N PHE B 128 -41.04 54.02 -11.00
CA PHE B 128 -42.21 54.68 -10.52
C PHE B 128 -43.47 54.06 -11.02
N GLY B 129 -43.39 52.76 -11.25
CA GLY B 129 -44.51 51.99 -11.70
C GLY B 129 -44.80 52.08 -13.16
N LYS B 130 -43.92 52.74 -13.89
CA LYS B 130 -44.08 52.85 -15.30
C LYS B 130 -42.96 52.03 -15.94
N GLN B 131 -43.29 51.42 -17.05
CA GLN B 131 -42.41 50.55 -17.77
C GLN B 131 -41.27 51.22 -18.44
N VAL B 132 -40.10 50.63 -18.28
CA VAL B 132 -38.92 51.19 -18.90
C VAL B 132 -38.45 50.33 -20.03
N VAL B 133 -38.39 49.04 -19.80
CA VAL B 133 -38.01 48.09 -20.82
C VAL B 133 -38.73 46.78 -20.62
N GLU B 134 -38.84 46.01 -21.69
CA GLU B 134 -39.45 44.71 -21.58
C GLU B 134 -38.66 43.73 -22.39
N LYS B 135 -38.15 42.69 -21.77
CA LYS B 135 -37.44 41.65 -22.48
C LYS B 135 -38.34 40.43 -22.61
N VAL B 136 -38.20 39.64 -23.66
CA VAL B 136 -39.06 38.48 -23.84
C VAL B 136 -38.32 37.27 -24.34
N GLU B 137 -38.64 36.10 -23.84
CA GLU B 137 -37.96 34.88 -24.21
C GLU B 137 -38.92 33.74 -24.41
N THR B 138 -38.53 32.74 -25.18
CA THR B 138 -39.35 31.59 -25.40
C THR B 138 -38.56 30.40 -24.97
N GLU B 139 -39.16 29.57 -24.15
CA GLU B 139 -38.46 28.46 -23.61
C GLU B 139 -39.11 27.16 -23.83
N TYR B 140 -38.27 26.20 -24.17
CA TYR B 140 -38.67 24.84 -24.39
C TYR B 140 -38.25 23.97 -23.21
N ALA B 141 -38.88 22.82 -23.11
CA ALA B 141 -38.68 21.91 -22.00
C ALA B 141 -37.93 20.64 -22.28
N ARG B 142 -37.36 20.10 -21.22
CA ARG B 142 -36.66 18.86 -21.20
C ARG B 142 -37.29 17.98 -20.18
N TYR B 143 -37.47 16.74 -20.53
CA TYR B 143 -38.04 15.78 -19.63
C TYR B 143 -37.03 15.27 -18.62
N GLU B 144 -37.46 15.20 -17.38
CA GLU B 144 -36.65 14.66 -16.37
C GLU B 144 -37.51 14.07 -15.32
N ASN B 145 -37.48 12.77 -15.20
CA ASN B 145 -38.21 12.08 -14.17
C ASN B 145 -39.69 12.31 -14.08
N GLY B 146 -40.37 12.31 -15.19
CA GLY B 146 -41.79 12.48 -15.19
C GLY B 146 -42.26 13.91 -15.25
N HIS B 147 -41.32 14.81 -15.17
CA HIS B 147 -41.62 16.20 -15.24
C HIS B 147 -40.73 16.90 -16.22
N TYR B 148 -41.08 18.14 -16.50
CA TYR B 148 -40.39 18.93 -17.48
C TYR B 148 -39.75 20.13 -16.91
N LEU B 149 -38.55 20.43 -17.36
CA LEU B 149 -37.79 21.55 -16.87
C LEU B 149 -37.45 22.54 -17.91
N TYR B 150 -37.39 23.77 -17.47
CA TYR B 150 -37.11 24.93 -18.30
C TYR B 150 -36.07 25.82 -17.69
N ARG B 151 -35.33 26.57 -18.48
CA ARG B 151 -34.34 27.48 -17.91
C ARG B 151 -33.97 28.65 -18.79
N ILE B 152 -33.37 29.67 -18.21
CA ILE B 152 -32.82 30.79 -18.95
C ILE B 152 -31.43 30.73 -18.41
N HIS B 153 -30.46 30.25 -19.17
CA HIS B 153 -29.14 30.06 -18.58
C HIS B 153 -28.17 31.13 -18.19
N ARG B 154 -27.74 31.96 -19.12
CA ARG B 154 -26.88 33.04 -18.74
C ARG B 154 -27.28 34.24 -19.53
N SER B 155 -28.55 34.58 -19.43
CA SER B 155 -29.05 35.73 -20.13
C SER B 155 -28.27 36.85 -19.58
N PRO B 156 -27.65 37.63 -20.43
CA PRO B 156 -26.87 38.74 -19.97
C PRO B 156 -27.66 39.98 -19.64
N LEU B 157 -27.26 40.59 -18.57
CA LEU B 157 -27.90 41.78 -18.14
C LEU B 157 -27.67 42.86 -19.16
N CYS B 158 -28.67 43.68 -19.38
CA CYS B 158 -28.54 44.72 -20.37
C CYS B 158 -27.68 45.84 -19.87
N GLU B 159 -27.23 46.67 -20.78
CA GLU B 159 -26.34 47.75 -20.43
C GLU B 159 -26.91 48.73 -19.47
N TYR B 160 -28.19 49.07 -19.58
CA TYR B 160 -28.78 50.06 -18.71
C TYR B 160 -28.78 49.62 -17.27
N MET B 161 -29.00 48.35 -17.06
CA MET B 161 -29.00 47.72 -15.76
C MET B 161 -27.64 47.68 -15.13
N ILE B 162 -26.64 47.38 -15.93
CA ILE B 162 -25.33 47.34 -15.39
C ILE B 162 -24.97 48.71 -14.90
N ASN B 163 -25.39 49.72 -15.61
CA ASN B 163 -25.11 51.09 -15.21
C ASN B 163 -25.79 51.43 -13.93
N PHE B 164 -27.01 50.97 -13.80
CA PHE B 164 -27.77 51.24 -12.62
C PHE B 164 -27.10 50.68 -11.43
N ILE B 165 -26.59 49.47 -11.54
CA ILE B 165 -25.90 48.80 -10.47
C ILE B 165 -24.67 49.58 -10.12
N HIS B 166 -24.00 50.07 -11.14
CA HIS B 166 -22.79 50.84 -10.97
C HIS B 166 -23.10 52.10 -10.25
N LYS B 167 -24.19 52.72 -10.60
CA LYS B 167 -24.58 53.94 -9.95
C LYS B 167 -24.88 53.74 -8.48
N LEU B 168 -25.63 52.72 -8.15
CA LEU B 168 -25.95 52.39 -6.77
C LEU B 168 -24.72 51.98 -6.01
N LYS B 169 -23.85 51.22 -6.64
CA LYS B 169 -22.66 50.73 -5.98
C LYS B 169 -21.74 51.83 -5.54
N HIS B 170 -21.93 53.02 -6.09
CA HIS B 170 -21.10 54.16 -5.73
C HIS B 170 -21.70 55.08 -4.74
N LEU B 171 -22.88 54.77 -4.26
CA LEU B 171 -23.47 55.64 -3.28
C LEU B 171 -22.75 55.44 -1.99
N PRO B 172 -22.58 56.52 -1.27
CA PRO B 172 -21.84 56.47 -0.04
C PRO B 172 -22.44 55.64 1.05
N GLU B 173 -23.71 55.83 1.35
CA GLU B 173 -24.32 55.10 2.42
C GLU B 173 -25.42 54.21 1.93
N LYS B 174 -25.56 53.09 2.61
CA LYS B 174 -26.50 52.05 2.27
C LYS B 174 -27.88 52.52 2.35
N TYR B 175 -28.15 53.46 3.23
CA TYR B 175 -29.48 53.99 3.39
C TYR B 175 -29.96 54.68 2.16
N MET B 176 -29.03 55.31 1.46
CA MET B 176 -29.25 56.02 0.23
C MET B 176 -29.69 55.13 -0.90
N MET B 177 -29.09 53.96 -0.98
CA MET B 177 -29.37 53.01 -2.03
C MET B 177 -30.79 52.58 -1.98
N ASN B 178 -31.26 52.31 -0.78
CA ASN B 178 -32.62 51.91 -0.54
C ASN B 178 -33.56 53.02 -0.90
N SER B 179 -33.05 54.24 -0.85
CA SER B 179 -33.82 55.37 -1.26
C SER B 179 -34.09 55.27 -2.73
N VAL B 180 -33.06 54.97 -3.49
CA VAL B 180 -33.26 54.84 -4.89
C VAL B 180 -34.12 53.68 -5.22
N LEU B 181 -33.75 52.52 -4.69
CA LEU B 181 -34.34 51.23 -4.99
C LEU B 181 -35.76 51.08 -4.61
N GLU B 182 -36.30 52.09 -3.97
CA GLU B 182 -37.66 52.10 -3.50
C GLU B 182 -38.61 52.01 -4.62
N ASN B 183 -38.29 52.70 -5.68
CA ASN B 183 -39.17 52.79 -6.83
C ASN B 183 -38.78 51.95 -8.00
N PHE B 184 -37.86 51.04 -7.79
CA PHE B 184 -37.42 50.15 -8.81
C PHE B 184 -38.12 48.84 -8.56
N THR B 185 -38.81 48.34 -9.56
CA THR B 185 -39.53 47.11 -9.49
C THR B 185 -39.43 46.36 -10.77
N ILE B 186 -39.48 45.05 -10.69
CA ILE B 186 -39.45 44.20 -11.85
C ILE B 186 -40.61 43.24 -11.77
N LEU B 187 -41.36 43.13 -12.85
CA LEU B 187 -42.48 42.25 -12.92
C LEU B 187 -42.16 41.25 -13.97
N GLN B 188 -42.24 39.98 -13.63
CA GLN B 188 -41.93 38.90 -14.52
C GLN B 188 -43.19 38.10 -14.72
N VAL B 189 -43.56 37.84 -15.97
CA VAL B 189 -44.74 37.09 -16.31
C VAL B 189 -44.46 35.92 -17.20
N VAL B 190 -44.80 34.73 -16.76
CA VAL B 190 -44.57 33.55 -17.53
C VAL B 190 -45.86 32.97 -17.99
N THR B 191 -46.05 32.91 -19.30
CA THR B 191 -47.28 32.47 -19.91
C THR B 191 -47.09 31.25 -20.76
N ASN B 192 -48.15 30.52 -20.99
CA ASN B 192 -48.12 29.36 -21.84
C ASN B 192 -48.37 29.88 -23.24
N ARG B 193 -47.45 29.63 -24.15
CA ARG B 193 -47.59 30.20 -25.46
C ARG B 193 -48.81 29.82 -26.25
N ASP B 194 -49.13 28.54 -26.31
CA ASP B 194 -50.25 28.06 -27.07
C ASP B 194 -51.60 28.56 -26.52
N THR B 195 -51.79 28.54 -25.21
CA THR B 195 -53.05 28.95 -24.60
C THR B 195 -53.21 30.28 -23.90
N GLN B 196 -52.13 31.00 -23.71
CA GLN B 196 -52.15 32.30 -23.08
C GLN B 196 -52.41 32.32 -21.61
N GLU B 197 -52.28 31.16 -20.98
CA GLU B 197 -52.46 31.03 -19.54
C GLU B 197 -51.31 31.63 -18.82
N THR B 198 -51.55 32.15 -17.63
CA THR B 198 -50.51 32.77 -16.85
C THR B 198 -50.01 31.74 -15.90
N LEU B 199 -48.84 31.20 -16.18
CA LEU B 199 -48.25 30.22 -15.32
C LEU B 199 -47.71 30.71 -14.02
N LEU B 200 -46.91 31.75 -14.08
CA LEU B 200 -46.33 32.38 -12.92
C LEU B 200 -46.25 33.85 -13.16
N CYS B 201 -46.53 34.64 -12.16
CA CYS B 201 -46.37 36.07 -12.31
C CYS B 201 -45.68 36.52 -11.05
N ILE B 202 -44.52 37.12 -11.12
CA ILE B 202 -43.81 37.56 -9.94
C ILE B 202 -43.47 39.01 -9.95
N ALA B 203 -43.77 39.70 -8.87
CA ALA B 203 -43.47 41.09 -8.75
C ALA B 203 -42.24 41.18 -7.87
N TYR B 204 -41.24 41.95 -8.25
CA TYR B 204 -40.02 42.01 -7.46
C TYR B 204 -39.70 43.34 -6.78
N VAL B 205 -39.42 43.31 -5.48
CA VAL B 205 -39.08 44.49 -4.70
C VAL B 205 -37.68 44.39 -4.11
N PHE B 206 -36.99 45.49 -4.10
CA PHE B 206 -35.60 45.53 -3.72
C PHE B 206 -35.12 46.39 -2.59
N GLU B 207 -34.01 45.93 -2.06
CA GLU B 207 -33.28 46.53 -0.98
C GLU B 207 -31.85 46.02 -0.95
N VAL B 208 -31.07 46.54 -0.05
CA VAL B 208 -29.69 46.15 0.08
C VAL B 208 -29.50 45.58 1.46
N SER B 209 -28.81 44.48 1.58
CA SER B 209 -28.64 43.90 2.86
C SER B 209 -27.69 44.69 3.67
N ALA B 210 -28.03 44.81 4.94
CA ALA B 210 -27.23 45.46 5.94
C ALA B 210 -25.97 44.69 6.22
N SER B 211 -26.09 43.41 5.99
CA SER B 211 -25.04 42.49 6.18
C SER B 211 -23.96 42.80 5.20
N GLU B 212 -22.72 42.65 5.63
CA GLU B 212 -21.60 42.87 4.77
C GLU B 212 -21.63 41.88 3.64
N HIS B 213 -22.06 40.70 3.95
CA HIS B 213 -22.13 39.67 2.96
C HIS B 213 -23.42 38.93 3.04
N GLY B 214 -23.80 38.34 1.94
CA GLY B 214 -25.01 37.56 1.83
C GLY B 214 -26.21 38.35 1.41
N ALA B 215 -27.09 37.71 0.67
CA ALA B 215 -28.29 38.32 0.16
C ALA B 215 -29.49 37.62 0.73
N GLN B 216 -30.58 38.34 0.90
CA GLN B 216 -31.75 37.76 1.52
C GLN B 216 -33.07 38.05 0.85
N HIS B 217 -34.09 37.27 1.14
CA HIS B 217 -35.40 37.48 0.56
C HIS B 217 -36.57 36.93 1.32
N HIS B 218 -37.73 37.48 1.02
CA HIS B 218 -39.01 37.05 1.58
C HIS B 218 -39.95 36.86 0.44
N ILE B 219 -40.75 35.82 0.48
CA ILE B 219 -41.68 35.52 -0.58
C ILE B 219 -43.07 35.60 -0.07
N TYR B 220 -43.96 36.19 -0.85
CA TYR B 220 -45.35 36.30 -0.44
C TYR B 220 -46.29 35.93 -1.55
N ARG B 221 -47.46 35.43 -1.17
CA ARG B 221 -48.50 35.16 -2.12
C ARG B 221 -49.34 36.40 -2.22
N LEU B 222 -49.81 36.68 -3.41
CA LEU B 222 -50.65 37.80 -3.66
C LEU B 222 -52.07 37.31 -3.55
N VAL B 223 -52.93 38.10 -2.93
CA VAL B 223 -54.29 37.65 -2.72
C VAL B 223 -55.39 38.63 -3.08
N LEU C 2 43.21 -6.81 12.92
CA LEU C 2 41.89 -6.57 12.35
C LEU C 2 41.85 -5.36 11.46
N ASN C 3 43.00 -4.96 10.94
CA ASN C 3 43.10 -3.82 10.05
C ASN C 3 43.68 -4.38 8.80
N TRP C 4 44.58 -5.31 8.99
CA TRP C 4 45.14 -6.00 7.84
C TRP C 4 44.04 -6.82 7.19
N ILE C 5 43.25 -7.41 8.08
CA ILE C 5 42.15 -8.27 7.77
C ILE C 5 41.01 -7.58 7.07
N SER C 6 40.81 -6.30 7.34
CA SER C 6 39.71 -5.59 6.74
C SER C 6 39.87 -5.35 5.26
N MET C 7 41.06 -5.60 4.75
CA MET C 7 41.28 -5.39 3.35
C MET C 7 41.16 -6.64 2.53
N ARG C 8 41.11 -7.79 3.18
CA ARG C 8 40.91 -9.02 2.48
C ARG C 8 39.62 -9.71 2.86
N SER C 9 39.07 -9.33 3.98
CA SER C 9 37.83 -9.90 4.48
C SER C 9 36.79 -8.84 4.80
N ILE C 10 35.60 -9.26 5.18
CA ILE C 10 34.49 -8.38 5.53
C ILE C 10 34.65 -8.01 6.98
N ALA C 11 35.59 -7.15 7.25
CA ALA C 11 35.80 -6.75 8.60
C ALA C 11 36.18 -5.34 8.70
N SER C 12 35.57 -4.66 9.65
CA SER C 12 35.93 -3.31 9.98
C SER C 12 37.01 -3.33 11.05
N SER C 13 37.25 -2.20 11.67
CA SER C 13 38.24 -2.17 12.72
C SER C 13 37.76 -2.92 13.92
N LYS C 14 36.44 -2.94 14.13
CA LYS C 14 35.84 -3.56 15.28
C LYS C 14 35.07 -4.84 15.16
N LEU C 15 34.52 -5.16 14.00
CA LEU C 15 33.77 -6.38 13.84
C LEU C 15 34.13 -7.04 12.56
N TRP C 16 34.22 -8.35 12.57
CA TRP C 16 34.58 -9.17 11.44
C TRP C 16 33.52 -10.22 11.24
N MET C 17 33.01 -10.39 10.05
CA MET C 17 32.00 -11.40 9.83
C MET C 17 32.61 -12.71 9.41
N LEU C 18 32.52 -13.68 10.28
CA LEU C 18 33.11 -14.97 10.05
C LEU C 18 32.37 -15.81 9.07
N GLU C 19 31.08 -15.93 9.24
CA GLU C 19 30.26 -16.74 8.37
C GLU C 19 28.91 -16.19 8.08
N PHE C 20 28.42 -16.45 6.88
CA PHE C 20 27.07 -16.15 6.48
C PHE C 20 26.49 -17.34 5.77
N SER C 21 25.31 -17.77 6.14
CA SER C 21 24.74 -18.93 5.52
C SER C 21 23.24 -18.82 5.38
N ALA C 22 22.73 -19.11 4.22
CA ALA C 22 21.30 -19.14 3.99
C ALA C 22 21.02 -20.53 3.48
N PHE C 23 20.05 -21.22 4.03
CA PHE C 23 19.83 -22.58 3.64
C PHE C 23 18.44 -23.13 3.73
N LEU C 24 18.29 -24.33 3.22
CA LEU C 24 17.05 -25.07 3.27
C LEU C 24 17.38 -26.41 3.88
N GLU C 25 16.53 -26.89 4.75
CA GLU C 25 16.81 -28.11 5.44
C GLU C 25 15.61 -28.92 5.72
N ARG C 26 15.75 -30.23 5.64
CA ARG C 26 14.68 -31.16 5.96
C ARG C 26 15.22 -32.52 6.34
N GLN C 27 14.40 -33.35 6.92
CA GLN C 27 14.83 -34.66 7.36
C GLN C 27 14.08 -35.83 6.79
N GLN C 28 14.77 -36.84 6.29
CA GLN C 28 14.06 -38.00 5.79
C GLN C 28 14.13 -39.16 6.74
N ASP C 29 15.29 -39.73 6.88
CA ASP C 29 15.45 -40.80 7.83
C ASP C 29 15.58 -40.21 9.20
N PRO C 30 15.60 -41.10 10.17
CA PRO C 30 15.82 -40.71 11.55
C PRO C 30 17.22 -40.21 11.70
N ASP C 31 18.11 -40.80 10.92
CA ASP C 31 19.51 -40.47 10.94
C ASP C 31 20.00 -39.82 9.67
N THR C 32 19.09 -39.27 8.87
CA THR C 32 19.51 -38.65 7.65
C THR C 32 18.84 -37.31 7.44
N TYR C 33 19.61 -36.33 7.00
CA TYR C 33 19.02 -35.04 6.75
C TYR C 33 19.57 -34.36 5.56
N ASN C 34 18.82 -33.43 5.02
CA ASN C 34 19.21 -32.72 3.84
C ASN C 34 19.38 -31.28 4.13
N LYS C 35 20.50 -30.72 3.74
CA LYS C 35 20.74 -29.32 3.88
C LYS C 35 21.27 -28.77 2.59
N HIS C 36 20.62 -27.77 2.04
CA HIS C 36 21.11 -27.14 0.84
C HIS C 36 21.38 -25.73 1.17
N LEU C 37 22.51 -25.22 0.75
CA LEU C 37 22.85 -23.87 1.01
C LEU C 37 22.70 -23.02 -0.20
N PHE C 38 21.81 -22.05 -0.13
CA PHE C 38 21.60 -21.09 -1.18
C PHE C 38 22.80 -20.21 -1.32
N VAL C 39 23.31 -19.70 -0.22
CA VAL C 39 24.50 -18.84 -0.24
C VAL C 39 25.41 -19.17 0.92
N HIS C 40 26.71 -18.99 0.80
CA HIS C 40 27.59 -19.29 1.90
C HIS C 40 28.83 -18.44 1.82
N ILE C 41 29.26 -17.91 2.93
CA ILE C 41 30.48 -17.15 3.04
C ILE C 41 31.15 -17.71 4.26
N SER C 42 32.40 -18.10 4.15
CA SER C 42 33.12 -18.61 5.31
C SER C 42 34.53 -18.12 5.38
N GLN C 43 34.75 -16.96 5.97
CA GLN C 43 36.10 -16.44 6.06
C GLN C 43 36.68 -16.82 7.39
N SER C 44 36.62 -18.10 7.70
CA SER C 44 37.11 -18.49 9.00
C SER C 44 38.63 -18.45 9.21
N SER C 45 39.43 -18.41 8.14
CA SER C 45 40.88 -18.32 8.29
C SER C 45 41.63 -17.36 7.39
N PRO C 46 42.26 -16.33 7.94
CA PRO C 46 42.95 -15.34 7.11
C PRO C 46 44.47 -15.48 6.94
N SER C 47 44.98 -15.02 5.80
CA SER C 47 46.40 -15.06 5.53
C SER C 47 46.80 -14.06 4.48
N TYR C 48 48.10 -13.81 4.40
CA TYR C 48 48.69 -12.91 3.43
C TYR C 48 48.54 -13.48 2.03
N SER C 49 48.29 -14.76 1.97
CA SER C 49 48.09 -15.44 0.71
C SER C 49 46.80 -14.99 0.05
N ASP C 50 45.86 -14.55 0.87
CA ASP C 50 44.55 -14.13 0.43
C ASP C 50 44.61 -12.88 -0.38
N PRO C 51 43.80 -12.79 -1.40
CA PRO C 51 43.80 -11.61 -2.25
C PRO C 51 43.16 -10.42 -1.63
N TYR C 52 43.60 -9.25 -2.05
CA TYR C 52 43.05 -8.02 -1.61
C TYR C 52 41.70 -7.82 -2.22
N LEU C 53 40.78 -7.23 -1.52
CA LEU C 53 39.50 -6.99 -2.10
C LEU C 53 39.54 -5.92 -3.13
N GLU C 54 38.72 -6.09 -4.16
CA GLU C 54 38.50 -5.07 -5.18
C GLU C 54 37.58 -4.00 -4.60
N THR C 55 37.36 -2.92 -5.32
CA THR C 55 36.50 -1.89 -4.77
C THR C 55 35.44 -1.45 -5.69
N VAL C 56 34.41 -0.91 -5.09
CA VAL C 56 33.27 -0.39 -5.80
C VAL C 56 33.01 1.00 -5.31
N ASP C 57 32.69 1.89 -6.20
CA ASP C 57 32.40 3.25 -5.84
C ASP C 57 30.99 3.23 -5.34
N ILE C 58 30.83 3.56 -4.08
CA ILE C 58 29.55 3.47 -3.39
C ILE C 58 28.48 4.34 -3.95
N ARG C 59 28.90 5.35 -4.67
CA ARG C 59 28.00 6.25 -5.30
C ARG C 59 27.24 5.58 -6.41
N GLN C 60 27.75 4.47 -6.92
CA GLN C 60 27.13 3.77 -8.03
C GLN C 60 25.94 2.88 -7.66
N ILE C 61 25.89 2.40 -6.43
CA ILE C 61 24.81 1.55 -6.04
C ILE C 61 23.79 2.22 -5.18
N TYR C 62 23.79 3.54 -5.16
CA TYR C 62 22.85 4.27 -4.33
C TYR C 62 21.44 4.02 -4.76
N ASP C 63 21.24 3.87 -6.06
CA ASP C 63 19.93 3.64 -6.65
C ASP C 63 19.27 2.39 -6.19
N LYS C 64 20.09 1.38 -5.97
CA LYS C 64 19.62 0.07 -5.66
C LYS C 64 19.39 -0.20 -4.20
N PHE C 65 19.59 0.81 -3.39
CA PHE C 65 19.34 0.70 -1.97
C PHE C 65 18.58 1.90 -1.46
N PRO C 66 18.20 1.82 -0.20
CA PRO C 66 17.43 2.87 0.41
C PRO C 66 18.19 4.12 0.42
N GLU C 67 17.50 5.23 0.19
CA GLU C 67 18.11 6.54 0.18
C GLU C 67 17.40 7.47 1.13
N LYS C 68 17.68 8.75 0.97
CA LYS C 68 17.10 9.79 1.81
C LYS C 68 17.48 9.64 3.26
N LYS C 69 16.56 9.92 4.16
CA LYS C 69 16.86 9.88 5.57
C LYS C 69 17.01 8.48 6.02
N GLY C 70 18.18 8.19 6.55
CA GLY C 70 18.52 6.87 7.03
C GLY C 70 19.08 5.95 5.97
N GLY C 71 19.25 6.49 4.79
CA GLY C 71 19.70 5.72 3.68
C GLY C 71 21.15 5.38 3.73
N LEU C 72 21.60 4.70 2.70
CA LEU C 72 22.95 4.27 2.60
C LEU C 72 23.88 5.44 2.52
N LYS C 73 23.46 6.49 1.86
CA LYS C 73 24.32 7.64 1.68
C LYS C 73 24.71 8.24 2.97
N GLU C 74 23.75 8.37 3.85
CA GLU C 74 23.96 8.97 5.15
C GLU C 74 24.92 8.23 6.01
N LEU C 75 24.77 6.93 6.02
CA LEU C 75 25.57 6.04 6.79
C LEU C 75 27.00 6.07 6.42
N PHE C 76 27.25 6.07 5.14
CA PHE C 76 28.59 6.02 4.70
C PHE C 76 29.34 7.23 5.16
N GLU C 77 28.71 8.38 5.01
CA GLU C 77 29.30 9.61 5.42
C GLU C 77 29.50 9.63 6.90
N ARG C 78 28.49 9.24 7.65
CA ARG C 78 28.63 9.25 9.08
C ARG C 78 29.58 8.26 9.67
N GLY C 79 29.30 6.99 9.43
CA GLY C 79 30.09 5.88 9.96
C GLY C 79 31.40 5.74 9.29
N PRO C 80 32.26 4.93 9.88
CA PRO C 80 33.58 4.70 9.35
C PRO C 80 33.51 4.04 8.04
N SER C 81 34.30 4.55 7.13
CA SER C 81 34.32 4.09 5.78
C SER C 81 34.91 2.73 5.62
N ASN C 82 35.55 2.25 6.67
CA ASN C 82 36.14 0.95 6.62
C ASN C 82 35.19 -0.18 6.95
N ALA C 83 33.97 0.20 7.27
CA ALA C 83 32.96 -0.75 7.59
C ALA C 83 31.97 -0.99 6.52
N PHE C 84 32.18 -0.48 5.31
CA PHE C 84 31.22 -0.72 4.26
C PHE C 84 31.67 -1.68 3.19
N PHE C 85 30.83 -2.65 2.90
CA PHE C 85 31.10 -3.67 1.91
C PHE C 85 29.93 -3.97 1.01
N LEU C 86 30.22 -4.52 -0.14
CA LEU C 86 29.20 -4.92 -1.07
C LEU C 86 29.52 -6.32 -1.44
N VAL C 87 28.54 -7.19 -1.34
CA VAL C 87 28.76 -8.56 -1.68
C VAL C 87 27.82 -8.96 -2.77
N LYS C 88 28.31 -9.51 -3.85
CA LYS C 88 27.48 -9.99 -4.89
C LYS C 88 27.44 -11.47 -4.74
N PHE C 89 26.24 -12.02 -4.73
CA PHE C 89 26.03 -13.43 -4.54
C PHE C 89 25.46 -14.07 -5.73
N TRP C 90 25.94 -15.25 -6.03
CA TRP C 90 25.35 -16.01 -7.08
C TRP C 90 24.73 -17.14 -6.28
N ALA C 91 23.42 -17.20 -6.18
CA ALA C 91 22.74 -18.22 -5.43
C ALA C 91 22.63 -19.54 -6.14
N ASP C 92 22.61 -20.65 -5.40
CA ASP C 92 22.46 -21.98 -5.94
C ASP C 92 21.06 -22.33 -5.60
N LEU C 93 20.21 -22.39 -6.58
CA LEU C 93 18.82 -22.69 -6.36
C LEU C 93 18.41 -24.10 -6.73
N ASN C 94 19.37 -24.95 -6.97
CA ASN C 94 19.12 -26.30 -7.38
C ASN C 94 18.86 -27.26 -6.25
N THR C 95 17.67 -27.23 -5.71
CA THR C 95 17.29 -28.16 -4.68
C THR C 95 15.81 -28.43 -4.62
N ASN C 96 15.47 -29.67 -4.41
CA ASN C 96 14.10 -30.11 -4.36
C ASN C 96 13.62 -30.35 -3.00
N ILE C 97 14.32 -29.84 -2.03
CA ILE C 97 13.97 -30.01 -0.66
C ILE C 97 12.68 -29.39 -0.28
N ASP C 98 12.27 -28.28 -0.89
CA ASP C 98 11.00 -27.69 -0.50
C ASP C 98 9.85 -28.51 -0.99
N ASP C 99 10.02 -29.14 -2.12
CA ASP C 99 9.00 -29.97 -2.71
C ASP C 99 8.89 -31.29 -2.04
N GLU C 100 9.97 -31.75 -1.44
CA GLU C 100 9.88 -33.01 -0.72
C GLU C 100 8.98 -32.84 0.47
N GLY C 101 8.94 -31.64 1.00
CA GLY C 101 8.07 -31.30 2.09
C GLY C 101 8.63 -31.16 3.47
N SER C 102 7.98 -30.29 4.23
CA SER C 102 8.35 -29.99 5.59
C SER C 102 9.77 -29.47 5.76
N ALA C 103 10.15 -28.56 4.90
CA ALA C 103 11.44 -27.93 4.93
C ALA C 103 11.49 -26.78 5.88
N PHE C 104 12.69 -26.33 6.16
CA PHE C 104 12.91 -25.23 7.05
C PHE C 104 13.76 -24.27 6.30
N TYR C 105 13.40 -23.01 6.26
CA TYR C 105 14.23 -22.06 5.59
C TYR C 105 14.90 -21.26 6.67
N GLY C 106 16.21 -21.31 6.76
CA GLY C 106 16.92 -20.59 7.79
C GLY C 106 18.10 -19.80 7.33
N VAL C 107 18.61 -18.92 8.16
CA VAL C 107 19.81 -18.12 7.87
C VAL C 107 20.67 -18.03 9.12
N SER C 108 21.99 -17.97 8.97
CA SER C 108 22.91 -17.89 10.10
C SER C 108 24.15 -17.05 9.87
N SER C 109 24.66 -16.37 10.88
CA SER C 109 25.88 -15.59 10.76
C SER C 109 26.75 -15.75 11.99
N GLN C 110 28.03 -15.52 11.86
CA GLN C 110 28.96 -15.62 12.96
C GLN C 110 29.85 -14.39 12.93
N TYR C 111 30.17 -13.78 14.06
CA TYR C 111 31.01 -12.59 14.10
C TYR C 111 32.07 -12.58 15.19
N GLU C 112 33.13 -11.79 14.99
CA GLU C 112 34.24 -11.67 15.92
C GLU C 112 34.53 -10.25 16.23
N SER C 113 34.80 -9.96 17.48
CA SER C 113 35.15 -8.62 17.86
C SER C 113 36.25 -8.67 18.88
N PRO C 114 37.11 -7.70 18.81
CA PRO C 114 38.19 -7.51 19.75
C PRO C 114 37.61 -7.19 21.11
N GLU C 115 36.45 -6.55 21.12
CA GLU C 115 35.82 -6.11 22.34
C GLU C 115 34.45 -6.67 22.61
N ASN C 116 34.08 -6.63 23.87
CA ASN C 116 32.83 -7.14 24.31
C ASN C 116 31.79 -6.06 24.21
N MET C 117 30.91 -6.21 23.26
CA MET C 117 29.91 -5.24 23.02
C MET C 117 28.54 -5.79 22.95
N ILE C 118 27.59 -4.91 23.02
CA ILE C 118 26.23 -5.29 22.82
C ILE C 118 25.94 -4.67 21.48
N ILE C 119 25.45 -5.46 20.55
CA ILE C 119 25.20 -4.95 19.25
C ILE C 119 23.82 -5.22 18.75
N THR C 120 23.39 -4.43 17.80
CA THR C 120 22.11 -4.63 17.17
C THR C 120 22.36 -4.80 15.71
N CYS C 121 21.63 -5.70 15.10
CA CYS C 121 21.77 -5.93 13.70
C CYS C 121 20.46 -5.64 13.05
N SER C 122 20.48 -4.82 12.03
CA SER C 122 19.29 -4.47 11.30
C SER C 122 19.44 -5.04 9.94
N THR C 123 18.42 -5.73 9.47
CA THR C 123 18.45 -6.29 8.14
C THR C 123 17.24 -5.82 7.38
N LYS C 124 17.46 -5.26 6.21
CA LYS C 124 16.41 -4.77 5.37
C LYS C 124 16.41 -5.41 4.01
N VAL C 125 15.24 -5.88 3.61
CA VAL C 125 15.04 -6.50 2.34
C VAL C 125 14.37 -5.47 1.48
N CYS C 126 14.90 -5.24 0.29
CA CYS C 126 14.42 -4.21 -0.61
C CYS C 126 13.99 -4.60 -2.01
N SER C 127 12.88 -4.04 -2.42
CA SER C 127 12.33 -4.25 -3.72
C SER C 127 12.43 -2.92 -4.39
N PHE C 128 13.15 -2.90 -5.49
CA PHE C 128 13.35 -1.73 -6.27
C PHE C 128 14.00 -0.63 -5.50
N GLY C 129 14.94 -0.99 -4.66
CA GLY C 129 15.65 -0.02 -3.89
C GLY C 129 14.91 0.57 -2.73
N LYS C 130 13.80 -0.05 -2.34
CA LYS C 130 12.98 0.44 -1.25
C LYS C 130 12.73 -0.64 -0.22
N GLN C 131 12.84 -0.30 1.04
CA GLN C 131 12.67 -1.27 2.07
C GLN C 131 11.31 -1.86 2.07
N VAL C 132 11.27 -3.15 2.32
CA VAL C 132 10.05 -3.88 2.42
C VAL C 132 9.84 -4.37 3.82
N VAL C 133 10.94 -4.68 4.48
CA VAL C 133 10.88 -5.16 5.85
C VAL C 133 12.14 -4.83 6.60
N GLU C 134 12.06 -4.69 7.91
CA GLU C 134 13.26 -4.52 8.68
C GLU C 134 13.18 -5.44 9.86
N LYS C 135 14.16 -6.31 10.03
CA LYS C 135 14.19 -7.21 11.14
C LYS C 135 15.35 -6.78 11.97
N VAL C 136 15.14 -6.56 13.25
CA VAL C 136 16.19 -6.12 14.15
C VAL C 136 16.45 -7.10 15.27
N GLU C 137 17.67 -7.53 15.43
CA GLU C 137 18.00 -8.45 16.49
C GLU C 137 19.12 -7.91 17.34
N THR C 138 19.09 -8.17 18.63
CA THR C 138 20.12 -7.70 19.52
C THR C 138 20.91 -8.90 19.93
N GLU C 139 22.22 -8.88 19.72
CA GLU C 139 23.04 -10.03 20.01
C GLU C 139 24.15 -9.77 20.99
N TYR C 140 24.42 -10.74 21.85
CA TYR C 140 25.43 -10.60 22.89
C TYR C 140 26.63 -11.46 22.67
N ALA C 141 27.73 -11.11 23.29
CA ALA C 141 29.02 -11.75 23.11
C ALA C 141 29.39 -12.80 24.06
N ARG C 142 30.18 -13.74 23.55
CA ARG C 142 30.75 -14.84 24.29
C ARG C 142 32.23 -14.87 24.01
N TYR C 143 33.03 -15.01 25.04
CA TYR C 143 34.47 -15.00 24.93
C TYR C 143 35.18 -16.25 24.45
N GLU C 144 36.09 -16.09 23.52
CA GLU C 144 36.90 -17.18 23.04
C GLU C 144 38.27 -16.69 22.73
N ASN C 145 39.26 -17.09 23.50
CA ASN C 145 40.62 -16.76 23.23
C ASN C 145 40.99 -15.32 23.14
N GLY C 146 40.37 -14.47 23.90
CA GLY C 146 40.69 -13.07 23.81
C GLY C 146 39.81 -12.30 22.87
N HIS C 147 38.81 -12.97 22.34
CA HIS C 147 37.86 -12.33 21.49
C HIS C 147 36.47 -12.78 21.82
N TYR C 148 35.54 -11.98 21.34
CA TYR C 148 34.14 -12.15 21.59
C TYR C 148 33.43 -12.48 20.33
N LEU C 149 32.56 -13.46 20.37
CA LEU C 149 31.86 -13.94 19.23
C LEU C 149 30.41 -13.75 19.37
N TYR C 150 29.78 -13.34 18.30
CA TYR C 150 28.35 -13.11 18.23
C TYR C 150 27.71 -14.06 17.25
N ARG C 151 26.45 -14.33 17.42
CA ARG C 151 25.80 -15.27 16.54
C ARG C 151 24.34 -15.04 16.27
N ILE C 152 23.89 -15.25 15.05
CA ILE C 152 22.48 -15.28 14.78
C ILE C 152 22.41 -16.69 14.26
N HIS C 153 21.85 -17.63 15.01
CA HIS C 153 21.84 -19.01 14.54
C HIS C 153 20.50 -19.62 14.23
N ARG C 154 20.36 -20.03 12.97
CA ARG C 154 19.18 -20.67 12.40
C ARG C 154 17.90 -19.89 12.52
N SER C 155 17.95 -18.60 12.28
CA SER C 155 16.77 -17.81 12.38
C SER C 155 15.84 -18.27 11.30
N PRO C 156 14.59 -18.54 11.63
CA PRO C 156 13.63 -18.95 10.60
C PRO C 156 13.29 -17.78 9.70
N LEU C 157 13.17 -17.99 8.40
CA LEU C 157 12.77 -16.90 7.54
C LEU C 157 11.29 -16.72 7.58
N CYS C 158 10.84 -15.51 7.35
CA CYS C 158 9.43 -15.29 7.37
C CYS C 158 8.75 -15.74 6.12
N GLU C 159 7.44 -15.83 6.16
CA GLU C 159 6.69 -16.37 5.05
C GLU C 159 6.94 -15.64 3.79
N TYR C 160 7.07 -14.34 3.85
CA TYR C 160 7.28 -13.59 2.66
C TYR C 160 8.56 -13.98 2.01
N MET C 161 9.58 -14.17 2.82
CA MET C 161 10.85 -14.54 2.30
C MET C 161 10.81 -15.91 1.72
N ILE C 162 10.16 -16.82 2.41
CA ILE C 162 10.07 -18.17 1.96
C ILE C 162 9.33 -18.23 0.68
N ASN C 163 8.28 -17.43 0.58
CA ASN C 163 7.45 -17.38 -0.60
C ASN C 163 8.21 -16.87 -1.77
N PHE C 164 9.08 -15.91 -1.55
CA PHE C 164 9.85 -15.38 -2.62
C PHE C 164 10.77 -16.43 -3.19
N ILE C 165 11.53 -17.09 -2.34
CA ILE C 165 12.45 -18.09 -2.80
C ILE C 165 11.78 -19.26 -3.45
N HIS C 166 10.69 -19.71 -2.88
CA HIS C 166 10.04 -20.83 -3.46
C HIS C 166 9.58 -20.47 -4.82
N LYS C 167 8.95 -19.34 -4.97
CA LYS C 167 8.46 -18.92 -6.26
C LYS C 167 9.57 -18.69 -7.23
N LEU C 168 10.60 -18.01 -6.76
CA LEU C 168 11.74 -17.64 -7.57
C LEU C 168 12.48 -18.82 -8.08
N LYS C 169 12.58 -19.80 -7.24
CA LYS C 169 13.27 -21.06 -7.45
C LYS C 169 12.65 -21.91 -8.51
N HIS C 170 11.41 -21.60 -8.85
CA HIS C 170 10.64 -22.35 -9.81
C HIS C 170 10.30 -21.71 -11.13
N LEU C 171 10.98 -20.65 -11.51
CA LEU C 171 10.71 -20.05 -12.78
C LEU C 171 11.27 -20.93 -13.84
N PRO C 172 10.56 -21.05 -14.93
CA PRO C 172 10.95 -21.88 -16.03
C PRO C 172 12.18 -21.49 -16.82
N GLU C 173 12.60 -20.25 -16.74
CA GLU C 173 13.76 -19.82 -17.49
C GLU C 173 14.71 -19.06 -16.61
N LYS C 174 15.99 -19.19 -16.88
CA LYS C 174 17.04 -18.57 -16.11
C LYS C 174 17.09 -17.10 -16.16
N TYR C 175 16.85 -16.56 -17.34
CA TYR C 175 16.85 -15.12 -17.52
C TYR C 175 15.74 -14.48 -16.74
N MET C 176 14.68 -15.22 -16.55
CA MET C 176 13.58 -14.76 -15.79
C MET C 176 13.99 -14.61 -14.38
N MET C 177 14.72 -15.59 -13.89
CA MET C 177 15.14 -15.61 -12.51
C MET C 177 16.00 -14.44 -12.23
N ASN C 178 16.93 -14.16 -13.11
CA ASN C 178 17.83 -13.04 -12.95
C ASN C 178 17.21 -11.69 -13.10
N SER C 179 16.18 -11.60 -13.91
CA SER C 179 15.47 -10.36 -14.12
C SER C 179 14.82 -9.94 -12.85
N VAL C 180 14.30 -10.90 -12.15
CA VAL C 180 13.69 -10.72 -10.88
C VAL C 180 14.67 -10.29 -9.82
N LEU C 181 15.85 -10.88 -9.84
CA LEU C 181 16.94 -10.66 -8.88
C LEU C 181 17.68 -9.39 -9.04
N GLU C 182 17.41 -8.73 -10.14
CA GLU C 182 18.01 -7.45 -10.42
C GLU C 182 17.54 -6.41 -9.47
N ASN C 183 16.36 -6.62 -8.93
CA ASN C 183 15.76 -5.66 -8.06
C ASN C 183 15.57 -6.05 -6.65
N PHE C 184 16.19 -7.13 -6.23
CA PHE C 184 16.04 -7.59 -4.89
C PHE C 184 17.36 -7.37 -4.24
N THR C 185 17.36 -6.61 -3.15
CA THR C 185 18.58 -6.35 -2.44
C THR C 185 18.36 -6.36 -0.96
N ILE C 186 19.42 -6.67 -0.22
CA ILE C 186 19.38 -6.72 1.22
C ILE C 186 20.46 -5.84 1.79
N LEU C 187 20.16 -5.16 2.87
CA LEU C 187 21.13 -4.31 3.51
C LEU C 187 21.15 -4.63 4.95
N GLN C 188 22.32 -4.92 5.46
CA GLN C 188 22.46 -5.27 6.85
C GLN C 188 23.38 -4.31 7.52
N VAL C 189 22.98 -3.75 8.64
CA VAL C 189 23.82 -2.83 9.39
C VAL C 189 24.00 -3.33 10.80
N VAL C 190 25.23 -3.37 11.27
CA VAL C 190 25.54 -3.83 12.61
C VAL C 190 26.03 -2.63 13.37
N THR C 191 25.44 -2.34 14.50
CA THR C 191 25.76 -1.16 15.27
C THR C 191 26.05 -1.46 16.71
N ASN C 192 26.93 -0.68 17.31
CA ASN C 192 27.19 -0.87 18.71
C ASN C 192 26.06 -0.16 19.39
N ARG C 193 25.31 -0.89 20.18
CA ARG C 193 24.14 -0.34 20.78
C ARG C 193 24.42 0.81 21.69
N ASP C 194 25.43 0.68 22.49
CA ASP C 194 25.80 1.74 23.39
C ASP C 194 26.37 3.00 22.80
N THR C 195 27.15 2.90 21.75
CA THR C 195 27.75 4.10 21.21
C THR C 195 27.23 4.54 19.88
N GLN C 196 26.49 3.65 19.23
CA GLN C 196 25.89 3.89 17.94
C GLN C 196 26.85 3.81 16.79
N GLU C 197 28.05 3.34 17.06
CA GLU C 197 29.05 3.15 16.03
C GLU C 197 28.67 2.06 15.12
N THR C 198 28.94 2.27 13.85
CA THR C 198 28.61 1.33 12.82
C THR C 198 29.76 0.40 12.67
N LEU C 199 29.61 -0.77 13.25
CA LEU C 199 30.60 -1.79 13.18
C LEU C 199 30.75 -2.42 11.81
N LEU C 200 29.62 -2.77 11.21
CA LEU C 200 29.60 -3.33 9.88
C LEU C 200 28.34 -2.95 9.12
N CYS C 201 28.50 -2.65 7.84
CA CYS C 201 27.38 -2.42 6.95
C CYS C 201 27.62 -3.19 5.69
N ILE C 202 26.73 -4.08 5.30
CA ILE C 202 26.89 -4.87 4.11
C ILE C 202 25.71 -4.78 3.17
N ALA C 203 26.00 -4.69 1.89
CA ALA C 203 25.01 -4.61 0.85
C ALA C 203 25.11 -5.84 -0.04
N TYR C 204 23.99 -6.49 -0.25
CA TYR C 204 23.93 -7.71 -1.01
C TYR C 204 23.15 -7.62 -2.28
N VAL C 205 23.74 -8.11 -3.35
CA VAL C 205 23.10 -8.16 -4.64
C VAL C 205 23.17 -9.60 -5.13
N PHE C 206 22.20 -10.01 -5.91
CA PHE C 206 22.11 -11.37 -6.35
C PHE C 206 22.00 -11.72 -7.82
N GLU C 207 22.45 -12.95 -8.10
CA GLU C 207 22.45 -13.56 -9.42
C GLU C 207 22.28 -15.06 -9.23
N VAL C 208 21.73 -15.76 -10.22
CA VAL C 208 21.51 -17.16 -10.04
C VAL C 208 22.72 -17.86 -10.56
N SER C 209 23.22 -18.77 -9.79
CA SER C 209 24.40 -19.46 -10.17
C SER C 209 24.20 -20.44 -11.27
N ALA C 210 25.24 -20.55 -12.04
CA ALA C 210 25.37 -21.51 -13.11
C ALA C 210 26.72 -22.19 -12.88
N SER C 211 26.99 -22.48 -11.63
CA SER C 211 28.26 -22.99 -11.22
C SER C 211 28.30 -24.44 -10.95
N GLU C 212 29.27 -25.08 -11.56
CA GLU C 212 29.47 -26.48 -11.45
C GLU C 212 29.81 -26.86 -10.05
N HIS C 213 30.48 -25.97 -9.34
CA HIS C 213 30.93 -26.29 -8.01
C HIS C 213 30.30 -25.61 -6.81
N GLY C 214 29.08 -25.13 -6.87
CA GLY C 214 28.52 -24.52 -5.69
C GLY C 214 27.90 -23.19 -5.93
N ALA C 215 27.88 -22.37 -4.90
CA ALA C 215 27.34 -21.04 -4.94
C ALA C 215 28.51 -20.12 -4.77
N GLN C 216 28.52 -19.04 -5.52
CA GLN C 216 29.65 -18.16 -5.50
C GLN C 216 29.39 -16.73 -5.12
N HIS C 217 30.43 -16.02 -4.76
CA HIS C 217 30.27 -14.65 -4.40
C HIS C 217 31.51 -13.85 -4.66
N HIS C 218 31.33 -12.57 -4.84
CA HIS C 218 32.43 -11.65 -4.96
C HIS C 218 32.19 -10.61 -3.91
N ILE C 219 33.22 -10.27 -3.18
CA ILE C 219 33.10 -9.30 -2.11
C ILE C 219 33.93 -8.11 -2.46
N TYR C 220 33.43 -6.94 -2.10
CA TYR C 220 34.06 -5.67 -2.40
C TYR C 220 34.02 -4.69 -1.28
N ARG C 221 34.97 -3.77 -1.26
CA ARG C 221 34.97 -2.74 -0.27
C ARG C 221 34.33 -1.55 -0.92
N LEU C 222 33.38 -0.93 -0.28
CA LEU C 222 32.72 0.22 -0.82
C LEU C 222 33.52 1.46 -0.55
N VAL C 223 33.61 2.36 -1.52
CA VAL C 223 34.35 3.60 -1.37
C VAL C 223 33.58 4.78 -1.94
N ASN D 3 15.53 -23.04 40.81
CA ASN D 3 15.39 -23.69 42.10
C ASN D 3 14.12 -24.53 42.20
N TRP D 4 13.05 -24.08 41.58
CA TRP D 4 11.83 -24.88 41.51
C TRP D 4 12.09 -26.11 40.63
N ILE D 5 12.80 -25.81 39.56
CA ILE D 5 13.19 -26.68 38.49
C ILE D 5 14.07 -27.79 38.94
N SER D 6 14.74 -27.61 40.05
CA SER D 6 15.70 -28.57 40.52
C SER D 6 15.14 -29.91 40.84
N MET D 7 13.83 -29.99 41.02
CA MET D 7 13.19 -31.26 41.37
C MET D 7 12.66 -32.06 40.21
N ARG D 8 12.55 -31.43 39.05
CA ARG D 8 12.06 -32.07 37.87
C ARG D 8 13.03 -32.05 36.71
N SER D 9 14.20 -31.51 36.95
CA SER D 9 15.20 -31.39 35.92
C SER D 9 16.59 -31.54 36.48
N ILE D 10 17.58 -31.64 35.61
CA ILE D 10 18.94 -31.74 36.07
C ILE D 10 19.34 -30.34 36.28
N ALA D 11 19.05 -29.80 37.43
CA ALA D 11 19.42 -28.45 37.72
C ALA D 11 19.71 -28.16 39.14
N SER D 12 20.74 -27.39 39.35
CA SER D 12 21.08 -26.90 40.66
C SER D 12 20.43 -25.51 40.80
N SER D 13 20.80 -24.79 41.82
CA SER D 13 20.26 -23.45 41.89
C SER D 13 21.01 -22.52 40.96
N LYS D 14 22.16 -22.97 40.50
CA LYS D 14 22.95 -22.16 39.63
C LYS D 14 23.18 -22.64 38.22
N LEU D 15 22.99 -23.91 37.94
CA LEU D 15 23.18 -24.40 36.57
C LEU D 15 22.17 -25.43 36.19
N TRP D 16 21.68 -25.37 34.96
CA TRP D 16 20.69 -26.26 34.39
C TRP D 16 21.20 -26.88 33.13
N MET D 17 21.16 -28.19 33.00
CA MET D 17 21.63 -28.81 31.82
C MET D 17 20.48 -28.91 30.89
N LEU D 18 20.50 -28.13 29.84
CA LEU D 18 19.51 -28.17 28.81
C LEU D 18 19.56 -29.35 27.89
N GLU D 19 20.74 -29.73 27.44
CA GLU D 19 20.87 -30.83 26.53
C GLU D 19 22.14 -31.59 26.63
N PHE D 20 22.09 -32.86 26.28
CA PHE D 20 23.27 -33.66 26.19
C PHE D 20 23.17 -34.62 25.03
N SER D 21 24.19 -34.76 24.20
CA SER D 21 24.16 -35.76 23.17
C SER D 21 25.52 -36.27 22.79
N ALA D 22 25.66 -37.57 22.55
CA ALA D 22 26.89 -38.14 22.05
C ALA D 22 26.50 -38.68 20.71
N PHE D 23 27.16 -38.28 19.65
CA PHE D 23 26.73 -38.65 18.33
C PHE D 23 27.81 -38.99 17.33
N LEU D 24 27.40 -39.55 16.19
CA LEU D 24 28.31 -39.92 15.11
C LEU D 24 27.78 -39.32 13.82
N GLU D 25 28.63 -38.60 13.10
CA GLU D 25 28.18 -37.96 11.86
C GLU D 25 29.12 -38.16 10.67
N ARG D 26 28.51 -38.23 9.49
CA ARG D 26 29.21 -38.39 8.22
C ARG D 26 28.43 -37.70 7.12
N GLN D 27 29.09 -37.03 6.21
CA GLN D 27 28.41 -36.33 5.14
C GLN D 27 28.27 -37.21 3.94
N GLN D 28 27.13 -37.85 3.74
CA GLN D 28 27.00 -38.78 2.62
C GLN D 28 26.94 -38.16 1.25
N ASP D 29 26.46 -36.93 1.16
CA ASP D 29 26.43 -36.28 -0.12
C ASP D 29 26.66 -34.84 0.01
N PRO D 30 26.60 -34.18 -1.11
CA PRO D 30 26.79 -32.74 -1.11
C PRO D 30 25.69 -32.10 -0.28
N ASP D 31 24.47 -32.58 -0.42
CA ASP D 31 23.39 -32.03 0.37
C ASP D 31 22.75 -33.07 1.25
N THR D 32 23.45 -34.13 1.56
CA THR D 32 22.91 -35.19 2.38
C THR D 32 23.80 -35.46 3.56
N TYR D 33 23.26 -35.62 4.75
CA TYR D 33 24.08 -35.90 5.92
C TYR D 33 23.51 -36.98 6.78
N ASN D 34 24.37 -37.63 7.52
CA ASN D 34 24.00 -38.70 8.41
C ASN D 34 24.45 -38.36 9.82
N LYS D 35 23.52 -38.28 10.75
CA LYS D 35 23.86 -38.05 12.14
C LYS D 35 23.08 -39.07 12.94
N HIS D 36 23.75 -39.76 13.85
CA HIS D 36 23.16 -40.78 14.70
C HIS D 36 23.38 -40.41 16.14
N LEU D 37 22.40 -40.58 17.00
CA LEU D 37 22.61 -40.24 18.38
C LEU D 37 22.69 -41.46 19.20
N PHE D 38 23.83 -41.68 19.82
CA PHE D 38 23.99 -42.80 20.71
C PHE D 38 23.17 -42.62 21.94
N VAL D 39 23.27 -41.46 22.52
CA VAL D 39 22.49 -41.06 23.70
C VAL D 39 22.03 -39.63 23.55
N HIS D 40 20.88 -39.27 24.07
CA HIS D 40 20.44 -37.89 23.95
C HIS D 40 19.43 -37.48 25.01
N ILE D 41 19.58 -36.31 25.58
CA ILE D 41 18.63 -35.79 26.54
C ILE D 41 18.24 -34.43 26.08
N SER D 42 16.98 -34.12 25.99
CA SER D 42 16.64 -32.81 25.51
C SER D 42 15.61 -32.08 26.33
N GLN D 43 15.93 -31.71 27.54
CA GLN D 43 14.97 -31.06 28.39
C GLN D 43 14.42 -29.82 27.76
N SER D 44 13.11 -29.75 27.83
CA SER D 44 12.34 -28.67 27.27
C SER D 44 11.85 -27.73 28.35
N SER D 45 10.84 -26.93 28.03
CA SER D 45 10.33 -25.99 29.00
C SER D 45 9.87 -26.79 30.19
N PRO D 46 10.08 -26.29 31.39
CA PRO D 46 9.64 -27.05 32.56
C PRO D 46 8.34 -26.56 33.14
N SER D 47 7.24 -27.17 32.71
CA SER D 47 5.95 -26.81 33.22
C SER D 47 5.86 -27.24 34.67
N TYR D 48 4.94 -26.61 35.38
CA TYR D 48 4.65 -27.01 36.77
C TYR D 48 4.02 -28.42 36.80
N SER D 49 3.50 -28.77 35.64
CA SER D 49 2.86 -30.03 35.36
C SER D 49 3.83 -31.15 35.52
N ASP D 50 5.09 -30.85 35.28
CA ASP D 50 6.09 -31.86 35.30
C ASP D 50 6.18 -32.52 36.63
N PRO D 51 6.31 -33.83 36.55
CA PRO D 51 6.41 -34.70 37.69
C PRO D 51 7.74 -34.61 38.35
N TYR D 52 7.76 -34.89 39.63
CA TYR D 52 8.99 -34.87 40.37
C TYR D 52 9.85 -35.99 39.85
N LEU D 53 11.13 -35.72 39.80
CA LEU D 53 12.07 -36.71 39.39
C LEU D 53 12.15 -37.76 40.45
N GLU D 54 12.38 -38.98 40.03
CA GLU D 54 12.55 -40.04 40.99
C GLU D 54 13.88 -39.90 41.68
N THR D 55 14.00 -40.43 42.87
CA THR D 55 15.23 -40.29 43.62
C THR D 55 16.00 -41.57 43.86
N VAL D 56 17.30 -41.45 44.06
CA VAL D 56 18.13 -42.61 44.33
C VAL D 56 19.01 -42.38 45.55
N ASP D 57 19.23 -43.41 46.32
CA ASP D 57 20.07 -43.30 47.46
C ASP D 57 21.44 -43.32 46.90
N ILE D 58 22.15 -42.24 47.13
CA ILE D 58 23.46 -42.05 46.60
C ILE D 58 24.46 -43.06 47.12
N ARG D 59 24.18 -43.56 48.30
CA ARG D 59 25.01 -44.50 48.98
C ARG D 59 25.16 -45.79 48.24
N GLN D 60 24.15 -46.09 47.47
CA GLN D 60 24.11 -47.27 46.68
C GLN D 60 25.13 -47.26 45.60
N ILE D 61 25.37 -46.10 45.05
CA ILE D 61 26.26 -45.96 43.92
C ILE D 61 27.72 -45.64 44.15
N TYR D 62 28.15 -45.59 45.39
CA TYR D 62 29.52 -45.23 45.70
C TYR D 62 30.53 -46.15 45.11
N ASP D 63 30.13 -47.39 44.96
CA ASP D 63 30.92 -48.48 44.49
C ASP D 63 31.46 -48.27 43.16
N LYS D 64 30.64 -47.71 42.30
CA LYS D 64 30.89 -47.54 40.89
C LYS D 64 31.50 -46.26 40.41
N PHE D 65 31.83 -45.42 41.33
CA PHE D 65 32.44 -44.12 41.07
C PHE D 65 33.56 -43.95 42.06
N PRO D 66 34.52 -43.13 41.71
CA PRO D 66 35.71 -42.96 42.48
C PRO D 66 35.47 -42.66 43.92
N GLU D 67 36.30 -43.28 44.71
CA GLU D 67 36.28 -43.26 46.15
C GLU D 67 37.40 -42.44 46.77
N LYS D 68 37.39 -42.45 48.09
CA LYS D 68 38.32 -41.77 48.92
C LYS D 68 38.36 -40.28 48.67
N LYS D 69 39.55 -39.70 48.77
CA LYS D 69 39.72 -38.28 48.65
C LYS D 69 39.45 -37.80 47.28
N GLY D 70 38.50 -36.90 47.16
CA GLY D 70 38.03 -36.38 45.91
C GLY D 70 36.90 -37.17 45.30
N GLY D 71 36.45 -38.17 46.01
CA GLY D 71 35.42 -39.08 45.57
C GLY D 71 34.06 -38.47 45.55
N LEU D 72 33.10 -39.26 45.14
CA LEU D 72 31.74 -38.78 45.07
C LEU D 72 31.19 -38.45 46.41
N LYS D 73 31.50 -39.27 47.38
CA LYS D 73 30.98 -39.12 48.70
C LYS D 73 31.38 -37.82 49.25
N GLU D 74 32.65 -37.54 49.11
CA GLU D 74 33.21 -36.32 49.57
C GLU D 74 32.61 -35.19 48.83
N LEU D 75 32.50 -35.36 47.54
CA LEU D 75 31.95 -34.34 46.70
C LEU D 75 30.57 -34.05 47.08
N PHE D 76 29.80 -35.09 47.34
CA PHE D 76 28.42 -34.92 47.73
C PHE D 76 28.31 -34.19 49.03
N GLU D 77 29.19 -34.50 49.96
CA GLU D 77 29.14 -33.82 51.21
C GLU D 77 29.44 -32.36 51.18
N ARG D 78 30.54 -31.98 50.57
CA ARG D 78 30.90 -30.59 50.54
C ARG D 78 29.96 -29.77 49.72
N GLY D 79 29.76 -30.24 48.51
CA GLY D 79 28.94 -29.56 47.53
C GLY D 79 27.51 -29.56 47.94
N PRO D 80 26.78 -28.64 47.37
CA PRO D 80 25.39 -28.54 47.72
C PRO D 80 24.79 -29.79 47.26
N SER D 81 24.03 -30.41 48.12
CA SER D 81 23.42 -31.67 47.83
C SER D 81 22.41 -31.59 46.74
N ASN D 82 22.08 -30.40 46.32
CA ASN D 82 21.05 -30.24 45.34
C ASN D 82 21.53 -30.23 43.92
N ALA D 83 22.81 -30.47 43.72
CA ALA D 83 23.37 -30.47 42.40
C ALA D 83 23.78 -31.82 41.89
N PHE D 84 23.33 -32.90 42.49
CA PHE D 84 23.74 -34.22 42.07
C PHE D 84 22.67 -35.04 41.46
N PHE D 85 22.95 -35.60 40.28
CA PHE D 85 22.04 -36.43 39.51
C PHE D 85 22.66 -37.70 38.97
N LEU D 86 21.84 -38.69 38.67
CA LEU D 86 22.26 -39.92 38.11
C LEU D 86 21.43 -40.16 36.90
N VAL D 87 22.03 -40.41 35.75
CA VAL D 87 21.25 -40.65 34.56
C VAL D 87 21.51 -42.02 33.99
N LYS D 88 20.48 -42.77 33.70
CA LYS D 88 20.64 -44.07 33.11
C LYS D 88 20.29 -43.96 31.69
N PHE D 89 21.18 -44.45 30.86
CA PHE D 89 21.04 -44.38 29.44
C PHE D 89 20.95 -45.75 28.87
N TRP D 90 20.11 -45.92 27.88
CA TRP D 90 20.04 -47.15 27.15
C TRP D 90 20.49 -46.68 25.82
N ALA D 91 21.70 -47.03 25.47
CA ALA D 91 22.32 -46.65 24.22
C ALA D 91 21.91 -47.34 22.96
N ASP D 92 21.88 -46.58 21.89
CA ASP D 92 21.55 -47.12 20.61
C ASP D 92 22.85 -47.24 19.88
N LEU D 93 23.33 -48.44 19.73
CA LEU D 93 24.56 -48.67 19.02
C LEU D 93 24.31 -49.14 17.61
N ASN D 94 23.11 -48.94 17.10
CA ASN D 94 22.78 -49.39 15.77
C ASN D 94 23.03 -48.45 14.61
N THR D 95 24.27 -48.36 14.19
CA THR D 95 24.56 -47.55 13.08
C THR D 95 25.71 -48.13 12.28
N ASN D 96 25.71 -47.84 11.00
CA ASN D 96 26.73 -48.29 10.09
C ASN D 96 27.44 -47.12 9.46
N ILE D 97 27.39 -45.98 10.11
CA ILE D 97 27.95 -44.77 9.55
C ILE D 97 29.44 -44.80 9.35
N ASP D 98 30.13 -45.53 10.18
CA ASP D 98 31.57 -45.56 10.17
C ASP D 98 32.13 -46.72 9.39
N ASP D 99 31.33 -47.22 8.48
CA ASP D 99 31.75 -48.30 7.65
C ASP D 99 32.93 -47.80 6.86
N GLU D 100 32.73 -46.67 6.24
CA GLU D 100 33.76 -46.07 5.42
C GLU D 100 34.97 -45.77 6.27
N GLY D 101 34.74 -45.60 7.56
CA GLY D 101 35.80 -45.24 8.47
C GLY D 101 36.09 -43.75 8.43
N SER D 102 35.15 -42.98 7.91
CA SER D 102 35.33 -41.54 7.83
C SER D 102 34.16 -40.77 8.39
N ALA D 103 34.02 -40.82 9.69
CA ALA D 103 32.96 -40.16 10.41
C ALA D 103 33.51 -39.41 11.60
N PHE D 104 32.70 -38.56 12.18
CA PHE D 104 33.14 -37.81 13.31
C PHE D 104 32.28 -38.18 14.48
N TYR D 105 32.88 -38.62 15.57
CA TYR D 105 32.18 -39.02 16.77
C TYR D 105 32.32 -37.85 17.66
N GLY D 106 31.21 -37.32 18.11
CA GLY D 106 31.24 -36.13 18.92
C GLY D 106 30.34 -36.12 20.10
N VAL D 107 30.50 -35.11 20.92
CA VAL D 107 29.69 -34.84 22.08
C VAL D 107 29.35 -33.38 22.12
N SER D 108 28.19 -33.06 22.66
CA SER D 108 27.81 -31.67 22.81
C SER D 108 26.81 -31.52 23.93
N SER D 109 26.85 -30.44 24.69
CA SER D 109 25.89 -30.19 25.76
C SER D 109 25.59 -28.71 25.88
N GLN D 110 24.45 -28.36 26.44
CA GLN D 110 24.11 -26.96 26.67
C GLN D 110 23.56 -26.80 28.04
N TYR D 111 23.97 -25.75 28.74
CA TYR D 111 23.53 -25.43 30.08
C TYR D 111 23.09 -24.00 30.18
N GLU D 112 22.25 -23.67 31.12
CA GLU D 112 21.78 -22.32 31.26
C GLU D 112 21.96 -21.86 32.68
N SER D 113 22.28 -20.59 32.87
CA SER D 113 22.44 -20.08 34.21
C SER D 113 21.90 -18.68 34.42
N PRO D 114 21.48 -18.39 35.63
CA PRO D 114 21.04 -17.07 36.07
C PRO D 114 22.17 -16.08 36.20
N GLU D 115 23.27 -16.57 36.73
CA GLU D 115 24.48 -15.83 36.96
C GLU D 115 25.45 -16.00 35.84
N ASN D 116 26.32 -15.03 35.67
CA ASN D 116 27.32 -15.02 34.66
C ASN D 116 28.52 -15.67 35.27
N MET D 117 29.13 -16.61 34.60
CA MET D 117 30.29 -17.28 35.16
C MET D 117 31.17 -17.95 34.19
N ILE D 118 32.20 -18.55 34.69
CA ILE D 118 33.08 -19.34 33.87
C ILE D 118 33.05 -20.67 34.54
N ILE D 119 32.73 -21.69 33.79
CA ILE D 119 32.61 -22.98 34.35
C ILE D 119 33.56 -23.97 33.76
N THR D 120 34.03 -24.86 34.61
CA THR D 120 34.91 -25.90 34.20
C THR D 120 34.20 -27.20 34.29
N CYS D 121 34.24 -27.99 33.25
CA CYS D 121 33.60 -29.27 33.30
C CYS D 121 34.64 -30.35 33.26
N SER D 122 34.66 -31.19 34.27
CA SER D 122 35.57 -32.27 34.27
C SER D 122 34.72 -33.47 34.00
N THR D 123 35.10 -34.28 33.03
CA THR D 123 34.38 -35.48 32.72
C THR D 123 35.33 -36.60 32.95
N LYS D 124 35.03 -37.51 33.85
CA LYS D 124 35.90 -38.62 34.13
C LYS D 124 35.30 -39.89 33.68
N VAL D 125 36.03 -40.67 32.92
CA VAL D 125 35.55 -41.95 32.49
C VAL D 125 36.18 -43.00 33.37
N CYS D 126 35.41 -43.95 33.85
CA CYS D 126 35.90 -44.99 34.73
C CYS D 126 35.54 -46.39 34.47
N SER D 127 36.44 -47.28 34.77
CA SER D 127 36.24 -48.70 34.64
C SER D 127 36.50 -49.28 36.01
N PHE D 128 35.53 -50.01 36.50
CA PHE D 128 35.56 -50.66 37.78
C PHE D 128 35.64 -49.73 38.93
N GLY D 129 35.01 -48.59 38.76
CA GLY D 129 34.94 -47.57 39.77
C GLY D 129 36.16 -46.72 39.91
N LYS D 130 37.09 -46.83 38.99
CA LYS D 130 38.31 -46.08 39.10
C LYS D 130 38.56 -45.33 37.84
N GLN D 131 39.18 -44.18 37.97
CA GLN D 131 39.40 -43.31 36.84
C GLN D 131 40.37 -43.76 35.79
N VAL D 132 39.97 -43.61 34.55
CA VAL D 132 40.77 -43.96 33.42
C VAL D 132 41.22 -42.75 32.62
N VAL D 133 40.28 -41.88 32.31
CA VAL D 133 40.56 -40.66 31.58
C VAL D 133 39.85 -39.50 32.20
N GLU D 134 40.46 -38.33 32.17
CA GLU D 134 39.76 -37.16 32.62
C GLU D 134 39.86 -36.10 31.59
N LYS D 135 38.73 -35.64 31.08
CA LYS D 135 38.73 -34.58 30.12
C LYS D 135 38.21 -33.35 30.82
N VAL D 136 38.88 -32.24 30.68
CA VAL D 136 38.42 -31.01 31.28
C VAL D 136 38.30 -29.89 30.29
N GLU D 137 37.19 -29.18 30.32
CA GLU D 137 37.00 -28.06 29.44
C GLU D 137 36.36 -26.88 30.12
N THR D 138 36.65 -25.70 29.62
CA THR D 138 36.10 -24.47 30.18
C THR D 138 35.11 -23.82 29.27
N GLU D 139 33.98 -23.44 29.82
CA GLU D 139 32.96 -22.86 29.03
C GLU D 139 32.65 -21.48 29.49
N TYR D 140 32.34 -20.62 28.55
CA TYR D 140 32.06 -19.22 28.82
C TYR D 140 30.65 -18.87 28.49
N ALA D 141 30.11 -17.92 29.21
CA ALA D 141 28.72 -17.46 29.07
C ALA D 141 28.32 -16.47 28.03
N ARG D 142 27.11 -16.65 27.53
CA ARG D 142 26.49 -15.71 26.65
C ARG D 142 25.14 -15.37 27.20
N TYR D 143 24.84 -14.11 27.33
CA TYR D 143 23.57 -13.68 27.82
C TYR D 143 22.53 -13.81 26.76
N GLU D 144 21.44 -14.45 27.07
CA GLU D 144 20.34 -14.46 26.15
C GLU D 144 19.11 -14.61 26.99
N ASN D 145 18.18 -13.68 26.87
CA ASN D 145 16.92 -13.73 27.56
C ASN D 145 16.91 -13.77 29.08
N GLY D 146 17.80 -13.07 29.72
CA GLY D 146 17.76 -13.03 31.17
C GLY D 146 18.58 -14.05 31.89
N HIS D 147 19.13 -14.95 31.12
CA HIS D 147 20.02 -15.97 31.59
C HIS D 147 21.20 -16.07 30.67
N TYR D 148 22.19 -16.80 31.13
CA TYR D 148 23.41 -16.97 30.38
C TYR D 148 23.53 -18.37 29.89
N LEU D 149 23.83 -18.56 28.63
CA LEU D 149 23.95 -19.88 28.08
C LEU D 149 25.36 -20.30 27.89
N TYR D 150 25.62 -21.58 28.12
CA TYR D 150 26.90 -22.22 27.97
C TYR D 150 26.80 -23.46 27.12
N ARG D 151 27.87 -23.86 26.48
CA ARG D 151 27.84 -25.11 25.74
C ARG D 151 29.15 -25.75 25.46
N ILE D 152 29.10 -27.03 25.14
CA ILE D 152 30.27 -27.76 24.70
C ILE D 152 29.80 -28.08 23.32
N HIS D 153 30.46 -27.59 22.30
CA HIS D 153 29.87 -27.76 20.98
C HIS D 153 30.01 -29.02 20.16
N ARG D 154 31.18 -29.34 19.66
CA ARG D 154 31.28 -30.59 18.99
C ARG D 154 32.55 -31.16 19.47
N SER D 155 32.62 -31.43 20.75
CA SER D 155 33.81 -32.01 21.31
C SER D 155 33.94 -33.39 20.75
N PRO D 156 35.14 -33.78 20.45
CA PRO D 156 35.44 -35.06 19.86
C PRO D 156 35.58 -36.15 20.82
N LEU D 157 34.97 -37.28 20.54
CA LEU D 157 35.15 -38.37 21.42
C LEU D 157 36.58 -38.80 21.28
N CYS D 158 37.09 -39.20 22.41
CA CYS D 158 38.44 -39.64 22.54
C CYS D 158 38.61 -40.97 21.85
N GLU D 159 39.83 -41.30 21.51
CA GLU D 159 40.12 -42.55 20.86
C GLU D 159 39.75 -43.73 21.72
N TYR D 160 39.90 -43.58 23.03
CA TYR D 160 39.53 -44.63 23.93
C TYR D 160 38.09 -44.92 23.79
N MET D 161 37.32 -43.84 23.77
CA MET D 161 35.90 -43.88 23.67
C MET D 161 35.46 -44.46 22.37
N ILE D 162 36.03 -44.01 21.28
CA ILE D 162 35.64 -44.57 20.02
C ILE D 162 36.00 -46.02 19.96
N ASN D 163 37.16 -46.40 20.46
CA ASN D 163 37.59 -47.79 20.41
C ASN D 163 36.68 -48.66 21.21
N PHE D 164 36.27 -48.18 22.35
CA PHE D 164 35.40 -48.91 23.23
C PHE D 164 34.10 -49.16 22.55
N ILE D 165 33.58 -48.17 21.86
CA ILE D 165 32.34 -48.34 21.16
C ILE D 165 32.50 -49.35 20.07
N HIS D 166 33.59 -49.27 19.35
CA HIS D 166 33.85 -50.18 18.26
C HIS D 166 33.99 -51.60 18.75
N LYS D 167 34.59 -51.76 19.91
CA LYS D 167 34.83 -53.06 20.51
C LYS D 167 33.59 -53.67 21.11
N LEU D 168 32.79 -52.80 21.68
CA LEU D 168 31.54 -53.15 22.29
C LEU D 168 30.54 -53.63 21.30
N LYS D 169 30.48 -52.98 20.18
CA LYS D 169 29.55 -53.31 19.14
C LYS D 169 29.92 -54.54 18.37
N HIS D 170 31.07 -55.11 18.64
CA HIS D 170 31.46 -56.32 17.97
C HIS D 170 31.02 -57.55 18.70
N LEU D 171 30.56 -57.39 19.91
CA LEU D 171 30.07 -58.49 20.70
C LEU D 171 28.84 -59.03 20.07
N PRO D 172 28.68 -60.33 20.10
CA PRO D 172 27.57 -61.02 19.48
C PRO D 172 26.18 -60.76 19.95
N GLU D 173 25.98 -60.53 21.22
CA GLU D 173 24.67 -60.32 21.75
C GLU D 173 24.64 -59.20 22.70
N LYS D 174 23.52 -58.51 22.79
CA LYS D 174 23.37 -57.37 23.66
C LYS D 174 23.49 -57.59 25.15
N TYR D 175 23.36 -58.80 25.62
CA TYR D 175 23.52 -59.08 27.02
C TYR D 175 24.99 -59.03 27.32
N MET D 176 25.81 -59.32 26.33
CA MET D 176 27.22 -59.28 26.51
C MET D 176 27.69 -57.89 26.67
N MET D 177 27.09 -56.99 25.92
CA MET D 177 27.42 -55.60 25.96
C MET D 177 27.08 -55.05 27.31
N ASN D 178 25.98 -55.47 27.85
CA ASN D 178 25.52 -55.02 29.13
C ASN D 178 26.41 -55.39 30.28
N SER D 179 26.94 -56.59 30.22
CA SER D 179 27.83 -57.09 31.22
C SER D 179 29.10 -56.32 31.28
N VAL D 180 29.61 -55.96 30.13
CA VAL D 180 30.79 -55.16 30.02
C VAL D 180 30.52 -53.78 30.53
N LEU D 181 29.36 -53.27 30.14
CA LEU D 181 28.87 -51.94 30.45
C LEU D 181 28.51 -51.73 31.88
N GLU D 182 28.48 -52.82 32.62
CA GLU D 182 28.17 -52.84 34.02
C GLU D 182 29.19 -52.18 34.84
N ASN D 183 30.39 -52.19 34.37
CA ASN D 183 31.49 -51.64 35.11
C ASN D 183 32.07 -50.42 34.48
N PHE D 184 31.29 -49.77 33.66
CA PHE D 184 31.70 -48.60 32.98
C PHE D 184 30.81 -47.50 33.46
N THR D 185 31.39 -46.41 33.94
CA THR D 185 30.62 -45.26 34.36
C THR D 185 31.30 -43.97 34.05
N ILE D 186 30.53 -42.91 33.89
CA ILE D 186 31.07 -41.60 33.66
C ILE D 186 30.58 -40.66 34.73
N LEU D 187 31.43 -39.79 35.20
CA LEU D 187 31.04 -38.82 36.19
C LEU D 187 31.45 -37.47 35.69
N GLN D 188 30.49 -36.58 35.52
CA GLN D 188 30.81 -35.25 35.06
C GLN D 188 30.54 -34.27 36.14
N VAL D 189 31.50 -33.42 36.41
CA VAL D 189 31.37 -32.40 37.43
C VAL D 189 31.63 -31.04 36.90
N VAL D 190 30.62 -30.18 36.91
CA VAL D 190 30.75 -28.83 36.44
C VAL D 190 30.98 -27.96 37.65
N THR D 191 31.97 -27.10 37.59
CA THR D 191 32.47 -26.30 38.68
C THR D 191 32.62 -24.84 38.27
N ASN D 192 32.48 -23.91 39.19
CA ASN D 192 32.66 -22.50 38.91
C ASN D 192 34.12 -22.28 39.04
N ARG D 193 34.71 -21.72 38.02
CA ARG D 193 36.15 -21.56 38.02
C ARG D 193 36.72 -20.73 39.13
N ASP D 194 36.11 -19.59 39.34
CA ASP D 194 36.49 -18.67 40.37
C ASP D 194 36.25 -19.07 41.79
N THR D 195 35.00 -19.40 42.10
CA THR D 195 34.60 -19.88 43.43
C THR D 195 34.97 -21.27 43.82
N GLN D 196 35.00 -22.14 42.82
CA GLN D 196 35.30 -23.55 42.91
C GLN D 196 34.10 -24.38 43.36
N GLU D 197 32.96 -23.73 43.47
CA GLU D 197 31.70 -24.32 43.89
C GLU D 197 31.21 -25.31 42.89
N THR D 198 30.51 -26.32 43.37
CA THR D 198 30.05 -27.37 42.51
C THR D 198 28.71 -27.06 41.93
N LEU D 199 28.69 -26.64 40.68
CA LEU D 199 27.46 -26.35 39.99
C LEU D 199 26.62 -27.53 39.66
N LEU D 200 27.22 -28.56 39.09
CA LEU D 200 26.49 -29.77 38.80
C LEU D 200 27.36 -30.98 38.87
N CYS D 201 26.86 -32.07 39.41
CA CYS D 201 27.59 -33.33 39.36
C CYS D 201 26.62 -34.30 38.78
N ILE D 202 27.00 -34.98 37.71
CA ILE D 202 26.13 -35.95 37.09
C ILE D 202 26.81 -37.28 36.94
N ALA D 203 26.14 -38.36 37.33
CA ALA D 203 26.71 -39.68 37.23
C ALA D 203 25.99 -40.41 36.15
N TYR D 204 26.70 -41.06 35.28
CA TYR D 204 26.08 -41.74 34.17
C TYR D 204 26.30 -43.22 34.15
N VAL D 205 25.24 -43.98 33.88
CA VAL D 205 25.29 -45.43 33.80
C VAL D 205 24.71 -45.86 32.50
N PHE D 206 25.20 -46.95 31.97
CA PHE D 206 24.77 -47.40 30.69
C PHE D 206 24.27 -48.80 30.58
N GLU D 207 23.53 -48.95 29.51
CA GLU D 207 22.91 -50.15 29.01
C GLU D 207 22.70 -49.98 27.52
N VAL D 208 22.36 -51.05 26.87
CA VAL D 208 22.13 -51.04 25.45
C VAL D 208 20.69 -51.38 25.23
N SER D 209 19.97 -50.57 24.50
CA SER D 209 18.59 -50.83 24.34
C SER D 209 18.33 -52.09 23.65
N ALA D 210 17.23 -52.66 24.07
CA ALA D 210 16.68 -53.85 23.50
C ALA D 210 15.96 -53.56 22.20
N SER D 211 15.74 -52.29 21.97
CA SER D 211 15.08 -51.73 20.84
C SER D 211 15.88 -51.87 19.59
N GLU D 212 15.25 -52.07 18.47
CA GLU D 212 16.03 -52.19 17.28
C GLU D 212 16.62 -50.87 17.00
N HIS D 213 15.79 -49.84 17.13
CA HIS D 213 16.25 -48.50 16.93
C HIS D 213 15.81 -47.66 18.08
N GLY D 214 16.63 -46.69 18.45
CA GLY D 214 16.26 -45.73 19.46
C GLY D 214 16.67 -45.74 20.91
N ALA D 215 17.50 -44.80 21.29
CA ALA D 215 17.98 -44.62 22.65
C ALA D 215 16.97 -44.05 23.61
N GLN D 216 17.14 -44.35 24.89
CA GLN D 216 16.25 -43.90 25.94
C GLN D 216 17.02 -43.55 27.21
N HIS D 217 16.43 -42.78 28.10
CA HIS D 217 17.10 -42.40 29.32
C HIS D 217 16.21 -42.29 30.51
N HIS D 218 16.77 -42.36 31.69
CA HIS D 218 16.01 -42.16 32.90
C HIS D 218 16.78 -41.19 33.77
N ILE D 219 16.14 -40.22 34.37
CA ILE D 219 16.87 -39.27 35.18
C ILE D 219 16.45 -39.27 36.64
N TYR D 220 17.43 -39.27 37.52
CA TYR D 220 17.23 -39.32 38.96
C TYR D 220 17.97 -38.25 39.71
N ARG D 221 17.48 -37.98 40.90
CA ARG D 221 18.04 -37.00 41.80
C ARG D 221 18.69 -37.79 42.90
N LEU D 222 19.91 -37.50 43.25
CA LEU D 222 20.58 -38.25 44.26
C LEU D 222 20.29 -37.66 45.61
N VAL D 223 20.06 -38.50 46.61
CA VAL D 223 19.70 -38.02 47.91
C VAL D 223 20.31 -38.80 49.07
N THR E 4 5.23 -8.11 2.90
CA THR E 4 5.15 -9.37 2.16
C THR E 4 4.58 -9.21 0.76
N ASP E 5 5.00 -8.15 0.09
CA ASP E 5 4.51 -7.92 -1.24
C ASP E 5 5.72 -7.72 -2.09
N LEU E 6 6.51 -8.78 -2.07
CA LEU E 6 7.66 -8.92 -2.93
C LEU E 6 7.20 -9.55 -4.28
N GLU E 7 5.92 -9.83 -4.35
CA GLU E 7 5.29 -10.45 -5.50
C GLU E 7 5.41 -9.64 -6.73
N ALA E 8 5.44 -8.34 -6.52
CA ALA E 8 5.52 -7.38 -7.59
C ALA E 8 6.76 -7.58 -8.39
N LEU E 9 7.79 -8.11 -7.77
CA LEU E 9 9.03 -8.31 -8.47
C LEU E 9 8.78 -9.27 -9.60
N PHE E 10 7.91 -10.24 -9.37
CA PHE E 10 7.56 -11.20 -10.38
C PHE E 10 6.77 -10.70 -11.55
N ASN E 11 5.89 -9.73 -11.34
CA ASN E 11 5.11 -9.27 -12.47
C ASN E 11 6.11 -8.51 -13.28
N SER E 12 6.38 -9.02 -14.45
CA SER E 12 7.35 -8.47 -15.36
C SER E 12 7.98 -9.64 -16.08
N VAL E 13 8.32 -10.68 -15.36
CA VAL E 13 8.81 -11.87 -16.05
C VAL E 13 7.62 -12.79 -16.25
N MET E 14 6.79 -12.76 -15.24
CA MET E 14 5.53 -13.44 -15.26
C MET E 14 4.56 -12.30 -15.58
N ASN E 15 3.77 -12.49 -16.64
CA ASN E 15 2.83 -11.50 -17.15
C ASN E 15 3.37 -10.94 -18.43
N PRO E 16 2.79 -11.39 -19.53
CA PRO E 16 3.21 -10.98 -20.86
C PRO E 16 2.94 -9.54 -21.16
N LYS E 17 3.77 -9.02 -22.04
CA LYS E 17 3.72 -7.65 -22.47
C LYS E 17 2.56 -7.32 -23.39
N PRO E 18 2.20 -6.04 -23.39
CA PRO E 18 1.12 -5.48 -24.19
C PRO E 18 1.51 -5.28 -25.64
N SER E 19 0.55 -4.93 -26.46
CA SER E 19 0.77 -4.81 -27.89
C SER E 19 1.63 -3.69 -28.45
N SER E 20 2.01 -2.72 -27.63
CA SER E 20 2.84 -1.61 -28.05
C SER E 20 2.25 -0.74 -29.09
N TRP E 21 1.78 0.40 -28.65
CA TRP E 21 1.09 1.38 -29.45
C TRP E 21 1.93 1.90 -30.58
N ARG E 22 3.19 2.19 -30.29
CA ARG E 22 4.05 2.77 -31.28
C ARG E 22 4.33 1.90 -32.49
N LYS E 23 4.09 0.61 -32.35
CA LYS E 23 4.36 -0.28 -33.47
C LYS E 23 3.20 -0.48 -34.40
N LYS E 24 2.08 0.14 -34.06
CA LYS E 24 0.85 0.06 -34.84
C LYS E 24 0.86 0.99 -36.03
N ILE E 25 -0.03 0.76 -36.98
CA ILE E 25 -0.08 1.61 -38.16
C ILE E 25 -0.99 2.79 -37.93
N LEU E 26 -0.39 3.94 -37.68
CA LEU E 26 -1.11 5.16 -37.42
C LEU E 26 -0.46 6.36 -38.03
N PRO E 27 -1.19 7.45 -38.03
CA PRO E 27 -0.70 8.70 -38.56
C PRO E 27 0.38 9.21 -37.65
N GLU E 28 1.31 9.94 -38.22
CA GLU E 28 2.47 10.40 -37.53
C GLU E 28 2.09 11.27 -36.36
N SER E 29 1.04 12.03 -36.55
CA SER E 29 0.54 13.03 -35.60
C SER E 29 0.06 12.45 -34.31
N PHE E 30 -0.07 11.15 -34.30
CA PHE E 30 -0.57 10.46 -33.16
C PHE E 30 0.28 10.58 -31.94
N PHE E 31 1.59 10.67 -32.12
CA PHE E 31 2.46 10.78 -30.97
C PHE E 31 3.05 12.16 -30.76
N LYS E 32 2.79 13.06 -31.69
CA LYS E 32 3.31 14.39 -31.56
C LYS E 32 2.28 15.27 -30.90
N GLU E 33 2.47 15.61 -29.64
CA GLU E 33 1.53 16.46 -28.97
C GLU E 33 1.58 17.79 -29.66
N PRO E 34 0.44 18.44 -29.76
CA PRO E 34 0.37 19.72 -30.46
C PRO E 34 0.60 20.93 -29.59
N ASP E 35 0.72 22.08 -30.23
CA ASP E 35 0.92 23.33 -29.54
C ASP E 35 -0.27 24.25 -29.83
N LEU F 6 -7.11 -2.54 -8.44
CA LEU F 6 -6.87 -1.21 -9.00
C LEU F 6 -5.40 -0.98 -9.28
N GLU F 7 -4.55 -1.68 -8.57
CA GLU F 7 -3.13 -1.51 -8.75
C GLU F 7 -2.61 -2.25 -9.96
N ALA F 8 -3.51 -2.88 -10.68
CA ALA F 8 -3.07 -3.69 -11.79
C ALA F 8 -2.34 -2.89 -12.79
N LEU F 9 -2.85 -1.74 -13.14
CA LEU F 9 -2.19 -0.91 -14.12
C LEU F 9 -0.84 -0.48 -13.65
N PHE F 10 -0.78 -0.25 -12.36
CA PHE F 10 0.43 0.20 -11.70
C PHE F 10 1.61 -0.77 -11.63
N ASN F 11 1.30 -2.05 -11.58
CA ASN F 11 2.29 -3.08 -11.48
C ASN F 11 2.83 -3.38 -12.85
N SER F 12 3.33 -2.36 -13.53
CA SER F 12 3.89 -2.55 -14.86
C SER F 12 5.28 -1.98 -15.04
N VAL F 13 5.40 -0.70 -14.73
CA VAL F 13 6.63 0.02 -14.93
C VAL F 13 7.40 0.07 -13.66
N MET F 14 8.45 -0.76 -13.65
CA MET F 14 9.42 -1.00 -12.58
C MET F 14 9.02 -0.31 -11.30
N ASN F 15 9.44 0.92 -11.17
CA ASN F 15 9.03 1.71 -10.04
C ASN F 15 9.26 3.10 -10.49
N PRO F 16 10.50 3.55 -10.44
CA PRO F 16 10.77 4.90 -10.93
C PRO F 16 11.30 4.58 -12.29
N LYS F 17 12.55 4.11 -12.31
CA LYS F 17 13.21 3.64 -13.51
C LYS F 17 14.31 2.73 -13.00
N PRO F 18 14.21 1.42 -13.17
CA PRO F 18 15.30 0.59 -12.68
C PRO F 18 16.52 0.93 -13.49
N SER F 19 17.68 1.04 -12.86
CA SER F 19 18.90 1.37 -13.58
C SER F 19 19.68 0.11 -13.85
N SER F 20 20.10 -0.07 -15.08
CA SER F 20 20.81 -1.27 -15.43
C SER F 20 22.09 -1.37 -14.69
N TRP F 21 22.32 -2.52 -14.10
CA TRP F 21 23.54 -2.78 -13.39
C TRP F 21 24.67 -2.77 -14.37
N ARG F 22 24.40 -3.33 -15.52
CA ARG F 22 25.39 -3.45 -16.56
C ARG F 22 25.89 -2.10 -17.01
N LYS F 23 25.04 -1.11 -16.89
CA LYS F 23 25.39 0.25 -17.29
C LYS F 23 26.21 1.01 -16.27
N LYS F 24 26.31 0.48 -15.05
CA LYS F 24 27.05 1.10 -13.94
C LYS F 24 28.53 0.89 -14.03
N ILE F 25 29.29 1.56 -13.19
CA ILE F 25 30.72 1.38 -13.23
C ILE F 25 31.17 0.44 -12.16
N LEU F 26 31.44 -0.77 -12.55
CA LEU F 26 31.86 -1.77 -11.63
C LEU F 26 32.99 -2.58 -12.18
N PRO F 27 33.63 -3.24 -11.29
CA PRO F 27 34.75 -4.08 -11.63
C PRO F 27 34.27 -5.11 -12.57
N GLU F 28 35.16 -5.53 -13.43
CA GLU F 28 34.81 -6.47 -14.46
C GLU F 28 34.30 -7.76 -13.89
N SER F 29 34.74 -8.05 -12.68
CA SER F 29 34.39 -9.26 -11.96
C SER F 29 32.97 -9.33 -11.45
N PHE F 30 32.28 -8.21 -11.44
CA PHE F 30 30.94 -8.11 -10.93
C PHE F 30 29.96 -8.94 -11.69
N PHE F 31 30.27 -9.16 -12.94
CA PHE F 31 29.42 -9.92 -13.81
C PHE F 31 30.01 -11.21 -14.25
N LYS F 32 31.07 -11.65 -13.62
CA LYS F 32 31.65 -12.91 -14.01
C LYS F 32 31.65 -13.81 -12.83
N GLU F 33 30.84 -14.84 -12.82
CA GLU F 33 30.85 -15.74 -11.70
C GLU F 33 32.16 -16.45 -11.64
N PRO F 34 32.52 -16.88 -10.46
CA PRO F 34 33.74 -17.63 -10.32
C PRO F 34 33.52 -19.09 -10.61
N ASP F 35 34.60 -19.85 -10.62
CA ASP F 35 34.50 -21.27 -10.86
C ASP F 35 34.21 -22.08 -9.62
N ASP G 3 -35.33 55.61 -20.84
CA ASP G 3 -34.39 54.62 -21.36
C ASP G 3 -33.41 54.33 -20.27
N THR G 4 -32.44 55.22 -20.18
CA THR G 4 -31.41 55.17 -19.15
C THR G 4 -31.74 56.09 -18.01
N ASP G 5 -32.95 56.61 -18.13
CA ASP G 5 -33.56 57.50 -17.19
C ASP G 5 -34.31 56.83 -16.07
N LEU G 6 -33.51 55.98 -15.47
CA LEU G 6 -33.72 55.39 -14.17
C LEU G 6 -33.01 56.36 -13.17
N GLU G 7 -32.39 57.35 -13.79
CA GLU G 7 -31.71 58.45 -13.15
C GLU G 7 -32.70 59.20 -12.33
N ALA G 8 -33.94 59.17 -12.78
CA ALA G 8 -35.04 59.81 -12.12
C ALA G 8 -35.23 59.25 -10.74
N LEU G 9 -34.79 58.04 -10.56
CA LEU G 9 -34.86 57.32 -9.31
C LEU G 9 -34.00 57.95 -8.25
N PHE G 10 -32.97 58.63 -8.71
CA PHE G 10 -31.99 59.25 -7.86
C PHE G 10 -32.30 60.68 -7.55
N ASN G 11 -33.47 61.12 -7.95
CA ASN G 11 -33.86 62.49 -7.85
C ASN G 11 -33.87 63.09 -6.45
N SER G 12 -34.08 62.29 -5.44
CA SER G 12 -33.99 62.79 -4.08
C SER G 12 -33.01 62.08 -3.19
N VAL G 13 -32.18 61.23 -3.77
CA VAL G 13 -31.08 60.63 -3.03
C VAL G 13 -30.36 61.79 -2.37
N MET G 14 -29.82 61.58 -1.18
CA MET G 14 -29.17 62.67 -0.46
C MET G 14 -30.31 63.37 0.24
N ASN G 15 -30.55 63.00 1.50
CA ASN G 15 -31.64 63.59 2.26
C ASN G 15 -32.94 63.00 1.72
N PRO G 16 -32.91 61.69 1.49
CA PRO G 16 -34.02 60.95 0.95
C PRO G 16 -35.28 61.26 1.70
N LYS G 17 -36.37 61.37 0.98
CA LYS G 17 -37.66 61.59 1.59
C LYS G 17 -38.18 60.29 2.17
N PRO G 18 -39.24 60.37 2.92
CA PRO G 18 -39.81 59.17 3.55
C PRO G 18 -40.34 58.15 2.56
N SER G 19 -40.11 56.87 2.86
CA SER G 19 -40.50 55.74 2.03
C SER G 19 -41.97 55.62 1.85
N SER G 20 -42.39 55.40 0.62
CA SER G 20 -43.79 55.25 0.32
C SER G 20 -44.26 53.86 0.53
N TRP G 21 -43.33 52.92 0.57
CA TRP G 21 -43.66 51.53 0.80
C TRP G 21 -44.28 51.40 2.15
N ARG G 22 -43.84 52.24 3.03
CA ARG G 22 -44.26 52.28 4.41
C ARG G 22 -45.66 52.85 4.60
N LYS G 23 -46.22 53.35 3.53
CA LYS G 23 -47.56 53.88 3.55
C LYS G 23 -48.51 52.87 2.97
N LYS G 24 -48.28 51.61 3.31
CA LYS G 24 -49.04 50.46 2.86
C LYS G 24 -49.29 49.49 3.97
N ILE G 25 -50.19 48.56 3.74
CA ILE G 25 -50.47 47.55 4.73
C ILE G 25 -49.82 46.23 4.34
N LEU G 26 -48.69 45.94 4.96
CA LEU G 26 -47.94 44.71 4.72
C LEU G 26 -47.41 44.12 6.00
N PRO G 27 -46.89 42.92 5.90
CA PRO G 27 -46.37 42.15 7.01
C PRO G 27 -45.17 42.77 7.63
N GLU G 28 -44.96 42.48 8.90
CA GLU G 28 -43.86 43.03 9.65
C GLU G 28 -42.57 42.62 9.00
N SER G 29 -42.59 41.42 8.49
CA SER G 29 -41.49 40.76 7.85
C SER G 29 -41.04 41.45 6.62
N PHE G 30 -41.88 42.27 6.04
CA PHE G 30 -41.54 42.96 4.82
C PHE G 30 -40.40 43.92 5.03
N PHE G 31 -40.20 44.33 6.27
CA PHE G 31 -39.16 45.26 6.59
C PHE G 31 -38.05 44.77 7.47
N LYS G 32 -38.14 43.53 7.89
CA LYS G 32 -37.13 43.01 8.74
C LYS G 32 -36.37 42.01 7.98
N GLU G 33 -35.19 42.36 7.54
CA GLU G 33 -34.37 41.45 6.83
C GLU G 33 -34.14 40.22 7.63
N PRO G 34 -33.85 39.15 6.96
CA PRO G 34 -33.62 37.90 7.65
C PRO G 34 -32.21 37.78 8.14
N ASP G 35 -31.91 36.67 8.77
CA ASP G 35 -30.59 36.46 9.30
C ASP G 35 -29.98 35.24 8.68
N THR H 4 43.96 -46.70 28.46
CA THR H 4 43.42 -47.02 27.15
C THR H 4 43.42 -48.50 26.83
N ASP H 5 43.85 -49.31 27.79
CA ASP H 5 43.95 -50.75 27.66
C ASP H 5 42.71 -51.31 28.31
N LEU H 6 41.58 -51.10 27.63
CA LEU H 6 40.29 -51.53 28.11
C LEU H 6 39.99 -52.98 27.84
N GLU H 7 40.97 -53.82 27.99
CA GLU H 7 40.68 -55.23 27.90
C GLU H 7 40.20 -55.76 29.25
N ALA H 8 40.25 -54.88 30.22
CA ALA H 8 39.79 -55.18 31.55
C ALA H 8 38.32 -55.31 31.56
N LEU H 9 37.65 -54.41 30.87
CA LEU H 9 36.23 -54.44 30.88
C LEU H 9 35.67 -55.67 30.25
N PHE H 10 36.24 -56.01 29.12
CA PHE H 10 35.83 -57.15 28.37
C PHE H 10 36.33 -58.46 28.93
N ASN H 11 36.22 -58.63 30.21
CA ASN H 11 36.54 -59.91 30.82
C ASN H 11 35.30 -60.58 31.44
N SER H 12 34.25 -59.79 31.58
CA SER H 12 32.94 -60.12 32.09
C SER H 12 32.12 -60.13 30.83
N VAL H 13 32.47 -61.09 30.00
CA VAL H 13 31.93 -61.27 28.67
C VAL H 13 32.51 -62.53 28.05
N MET H 14 33.08 -63.40 28.85
CA MET H 14 33.68 -64.58 28.33
C MET H 14 33.74 -65.36 29.56
N ASN H 15 33.90 -64.68 30.68
CA ASN H 15 33.97 -65.48 31.87
C ASN H 15 33.23 -64.55 32.81
N PRO H 16 31.91 -64.61 32.79
CA PRO H 16 31.04 -63.67 33.48
C PRO H 16 30.57 -63.89 34.89
N LYS H 17 29.91 -62.86 35.40
CA LYS H 17 29.39 -62.83 36.75
C LYS H 17 28.02 -62.25 36.81
N PRO H 18 27.44 -62.27 37.99
CA PRO H 18 26.10 -61.76 38.20
C PRO H 18 26.03 -60.26 38.14
N SER H 19 24.85 -59.71 37.87
CA SER H 19 24.74 -58.28 37.79
C SER H 19 24.92 -57.63 39.13
N SER H 20 25.86 -56.70 39.16
CA SER H 20 26.19 -55.91 40.32
C SER H 20 25.11 -54.92 40.70
N TRP H 21 24.54 -54.29 39.70
CA TRP H 21 23.50 -53.30 39.86
C TRP H 21 22.21 -53.82 40.36
N ARG H 22 21.96 -55.08 40.07
CA ARG H 22 20.73 -55.72 40.45
C ARG H 22 20.58 -56.02 41.90
N LYS H 23 21.70 -56.12 42.60
CA LYS H 23 21.72 -56.38 44.03
C LYS H 23 21.51 -55.11 44.86
N LYS H 24 21.60 -53.95 44.19
CA LYS H 24 21.43 -52.67 44.86
C LYS H 24 19.96 -52.36 45.08
N ILE H 25 19.69 -51.33 45.87
CA ILE H 25 18.35 -50.93 46.18
C ILE H 25 18.02 -49.70 45.38
N LEU H 26 17.34 -49.90 44.28
CA LEU H 26 16.96 -48.84 43.38
C LEU H 26 15.53 -48.96 42.94
N PRO H 27 15.03 -47.91 42.36
CA PRO H 27 13.65 -47.91 41.89
C PRO H 27 13.51 -48.85 40.73
N GLU H 28 12.34 -49.42 40.60
CA GLU H 28 12.04 -50.45 39.63
C GLU H 28 12.26 -50.00 38.23
N SER H 29 12.14 -48.71 38.04
CA SER H 29 12.27 -48.10 36.74
C SER H 29 13.66 -48.10 36.23
N PHE H 30 14.60 -48.38 37.10
CA PHE H 30 16.00 -48.39 36.74
C PHE H 30 16.25 -49.43 35.71
N PHE H 31 15.50 -50.49 35.76
CA PHE H 31 15.68 -51.59 34.85
C PHE H 31 14.62 -51.77 33.81
N LYS H 32 13.75 -50.79 33.65
CA LYS H 32 12.75 -50.92 32.66
C LYS H 32 12.89 -49.84 31.66
N GLU H 33 13.46 -50.15 30.52
CA GLU H 33 13.63 -49.18 29.48
C GLU H 33 12.31 -48.57 29.15
N PRO H 34 12.30 -47.32 28.75
CA PRO H 34 11.06 -46.64 28.42
C PRO H 34 10.57 -47.01 27.06
N ASP H 35 9.30 -46.80 26.82
CA ASP H 35 8.71 -47.13 25.56
C ASP H 35 9.37 -46.33 24.45
C1 CIT I . -27.38 23.12 -21.01
O1 CIT I . -27.27 24.31 -21.41
O2 CIT I . -27.77 22.14 -21.76
C2 CIT I . -27.01 22.93 -19.54
C3 CIT I . -28.13 22.97 -18.43
O7 CIT I . -28.28 21.64 -17.92
C4 CIT I . -27.72 23.80 -17.19
C5 CIT I . -28.80 24.02 -16.13
O3 CIT I . -29.98 23.63 -16.30
O4 CIT I . -28.44 24.64 -15.10
C6 CIT I . -29.47 23.60 -18.86
O5 CIT I . -30.60 23.29 -18.32
O6 CIT I . -29.33 24.48 -19.75
C1 PLM J . -32.79 43.37 -18.63
O1 PLM J . -31.61 43.00 -18.61
O2 PLM J . -33.09 44.57 -18.49
C2 PLM J . -33.89 42.40 -18.35
C3 PLM J . -34.12 42.33 -16.85
C4 PLM J . -33.48 41.09 -16.26
C5 PLM J . -33.99 40.79 -14.87
C6 PLM J . -33.08 41.48 -13.91
C7 PLM J . -33.40 41.01 -12.52
C8 PLM J . -32.12 40.78 -11.77
C9 PLM J . -31.96 41.83 -10.72
CA PLM J . -30.72 42.59 -11.02
CB PLM J . -30.40 43.43 -9.82
CC PLM J . -31.41 44.56 -9.71
CD PLM J . -30.92 45.68 -8.81
CE PLM J . -29.79 45.23 -7.91
CF PLM J . -29.91 46.00 -6.62
CG PLM J . -31.31 45.89 -6.14
C1 CIT K . 26.75 -22.33 16.58
O1 CIT K . 27.45 -21.26 16.52
O2 CIT K . 26.72 -23.12 15.57
C2 CIT K . 25.93 -22.70 17.85
C3 CIT K . 26.07 -21.83 19.12
O7 CIT K . 25.10 -20.82 19.15
C4 CIT K . 25.85 -22.58 20.45
C5 CIT K . 24.59 -22.15 21.26
O3 CIT K . 23.46 -22.28 20.63
O4 CIT K . 24.76 -21.72 22.49
C6 CIT K . 27.45 -21.24 18.97
O5 CIT K . 27.53 -19.95 18.93
O6 CIT K . 28.42 -22.10 18.79
C1 PLM L . 13.32 -12.90 7.45
O1 PLM L . 12.75 -13.87 6.93
O2 PLM L . 13.23 -12.66 8.66
C2 PLM L . 13.64 -11.74 6.58
C3 PLM L . 15.00 -11.21 6.95
C4 PLM L . 16.03 -11.66 5.94
C5 PLM L . 17.05 -12.52 6.67
C6 PLM L . 18.36 -12.39 5.97
C7 PLM L . 18.12 -12.60 4.50
C8 PLM L . 17.67 -14.03 4.29
C9 PLM L . 17.97 -14.51 2.89
CA PLM L . 19.33 -14.06 2.43
CB PLM L . 19.71 -14.74 1.13
CC PLM L . 18.48 -15.05 0.29
CD PLM L . 18.57 -16.42 -0.32
CE PLM L . 19.00 -16.33 -1.78
CF PLM L . 17.82 -16.37 -2.72
CG PLM L . 18.14 -15.58 -3.94
C1 PLM M . 36.58 -37.99 25.20
O2 PLM M . 36.16 -36.88 24.81
C2 PLM M . 36.58 -38.17 26.69
C3 PLM M . 35.23 -38.65 27.20
C4 PLM M . 34.06 -38.03 26.48
C5 PLM M . 33.18 -37.18 27.39
C6 PLM M . 31.71 -37.56 27.40
C7 PLM M . 31.42 -38.89 26.73
C8 PLM M . 30.32 -39.65 27.41
C9 PLM M . 29.20 -39.90 26.45
CA PLM M . 28.85 -41.36 26.38
CB PLM M . 29.04 -41.90 24.98
CC PLM M . 28.24 -43.16 24.77
CD PLM M . 29.17 -44.36 24.65
CE PLM M . 28.43 -45.64 24.45
CF PLM M . 28.46 -46.45 25.70
CG PLM M . 27.36 -47.45 25.60
#